data_5T8U
#
_entry.id   5T8U
#
_cell.length_a   120.240
_cell.length_b   120.240
_cell.length_c   134.920
_cell.angle_alpha   90.00
_cell.angle_beta   90.00
_cell.angle_gamma   120.00
#
_symmetry.space_group_name_H-M   'P 32 2 1'
#
loop_
_entity.id
_entity.type
_entity.pdbx_description
1 polymer 'Lipoate-protein ligase 1'
2 non-polymer 'LIPOIC ACID'
3 water water
#
_entity_poly.entity_id   1
_entity_poly.type   'polypeptide(L)'
_entity_poly.pdbx_seq_one_letter_code
;GHHHHHHELNGPLVLVSNNQNIHFNLSLENFLLNNYNDLLKYLNINTIEKFNEPILFLWRNNRSIIIGKNQNIWSECNLK
NIKEDGVLVARRFTGGGAVYHDLGNVCFTFLNNNINTSSNFLIILNTLKNHFNIEAKTQGRNDITVNDQKCSGSAFKKIK
DVFLHHGTILINLEKNILNKYLTPDKIKYIKHGVSSVNARTINLSEINNNITCENLCIALIKEFTKFYEQNYNTNIIPND
ITVHYIDQNNNITKNPEFLKYYNLLKDWDWCYGKTPKFQNHIWKQFTFGKLELFFNVSNGFIKDGNIFSDCLDINLIDHL
KSIFNNDIKYSKEDISIFFKKLNVENKNYLDEVRSWILQE
;
_entity_poly.pdbx_strand_id   A,B
#
loop_
_chem_comp.id
_chem_comp.type
_chem_comp.name
_chem_comp.formula
LPA non-polymer 'LIPOIC ACID' 'C8 H14 O2 S2'
#
# COMPACT_ATOMS: atom_id res chain seq x y z
N GLY A 11 -3.46 -31.67 4.71
CA GLY A 11 -4.48 -30.65 4.84
C GLY A 11 -4.04 -29.47 5.69
N PRO A 12 -4.84 -28.41 5.71
CA PRO A 12 -4.47 -27.23 6.50
C PRO A 12 -4.28 -27.55 7.98
N LEU A 13 -3.58 -26.66 8.67
CA LEU A 13 -3.23 -26.86 10.07
C LEU A 13 -3.63 -25.65 10.90
N VAL A 14 -4.09 -25.94 12.12
CA VAL A 14 -4.41 -24.93 13.12
C VAL A 14 -3.56 -25.24 14.34
N LEU A 15 -2.63 -24.35 14.67
CA LEU A 15 -1.69 -24.53 15.76
C LEU A 15 -1.94 -23.46 16.81
N VAL A 16 -1.73 -23.83 18.08
CA VAL A 16 -1.98 -22.94 19.21
C VAL A 16 -0.82 -23.06 20.18
N SER A 17 -0.47 -21.94 20.80
CA SER A 17 0.54 -21.90 21.86
C SER A 17 -0.09 -21.25 23.08
N ASN A 18 -0.16 -22.00 24.18
CA ASN A 18 -0.67 -21.45 25.43
C ASN A 18 0.41 -20.69 26.20
N ASN A 19 1.67 -20.79 25.79
CA ASN A 19 2.71 -19.97 26.39
C ASN A 19 2.44 -18.50 26.13
N GLN A 20 2.90 -17.64 27.04
CA GLN A 20 2.61 -16.21 26.98
C GLN A 20 3.87 -15.36 27.02
N ASN A 21 5.02 -15.94 26.66
CA ASN A 21 6.27 -15.19 26.59
C ASN A 21 6.55 -14.80 25.14
N ILE A 22 6.82 -13.50 24.92
CA ILE A 22 6.99 -13.00 23.57
C ILE A 22 8.16 -13.70 22.88
N HIS A 23 9.27 -13.89 23.60
CA HIS A 23 10.43 -14.56 23.01
C HIS A 23 10.14 -16.02 22.70
N PHE A 24 9.41 -16.69 23.59
CA PHE A 24 9.07 -18.09 23.37
C PHE A 24 8.19 -18.26 22.14
N ASN A 25 7.11 -17.48 22.06
CA ASN A 25 6.19 -17.60 20.93
C ASN A 25 6.85 -17.15 19.63
N LEU A 26 7.70 -16.12 19.69
CA LEU A 26 8.45 -15.74 18.49
C LEU A 26 9.39 -16.85 18.05
N SER A 27 9.97 -17.58 19.00
CA SER A 27 10.81 -18.73 18.64
C SER A 27 9.98 -19.83 18.00
N LEU A 28 8.77 -20.08 18.52
CA LEU A 28 7.86 -21.02 17.88
C LEU A 28 7.57 -20.59 16.44
N GLU A 29 7.19 -19.33 16.26
CA GLU A 29 6.88 -18.80 14.93
C GLU A 29 8.05 -19.01 13.98
N ASN A 30 9.25 -18.61 14.41
CA ASN A 30 10.42 -18.76 13.55
C ASN A 30 10.71 -20.22 13.25
N PHE A 31 10.44 -21.12 14.21
CA PHE A 31 10.66 -22.55 13.96
C PHE A 31 9.66 -23.08 12.95
N LEU A 32 8.42 -22.60 12.98
CA LEU A 32 7.44 -23.02 12.00
C LEU A 32 7.81 -22.51 10.61
N LEU A 33 8.25 -21.25 10.51
CA LEU A 33 8.66 -20.70 9.22
C LEU A 33 9.87 -21.45 8.67
N ASN A 34 10.84 -21.76 9.53
CA ASN A 34 12.09 -22.39 9.09
C ASN A 34 12.00 -23.91 8.98
N ASN A 35 10.86 -24.51 9.35
CA ASN A 35 10.67 -25.94 9.21
C ASN A 35 9.30 -26.26 8.61
N TYR A 36 8.78 -25.36 7.79
CA TYR A 36 7.46 -25.51 7.18
C TYR A 36 7.25 -26.90 6.58
N ASN A 37 7.97 -27.20 5.50
CA ASN A 37 7.73 -28.44 4.76
C ASN A 37 7.95 -29.70 5.60
N ASP A 38 8.56 -29.59 6.78
CA ASP A 38 8.82 -30.74 7.63
C ASP A 38 7.92 -30.79 8.86
N LEU A 39 6.96 -29.87 9.01
CA LEU A 39 6.24 -29.76 10.26
C LEU A 39 5.52 -31.06 10.62
N LEU A 40 4.98 -31.77 9.62
CA LEU A 40 4.25 -33.00 9.91
C LEU A 40 5.09 -34.00 10.67
N LYS A 41 6.43 -33.93 10.55
CA LYS A 41 7.28 -34.81 11.35
C LYS A 41 7.51 -34.25 12.75
N TYR A 42 7.70 -32.93 12.87
CA TYR A 42 7.86 -32.34 14.19
C TYR A 42 6.57 -32.43 14.99
N LEU A 43 5.43 -32.15 14.35
CA LEU A 43 4.18 -32.69 14.85
C LEU A 43 4.20 -34.21 14.70
N ASN A 44 3.43 -34.89 15.54
CA ASN A 44 3.39 -36.35 15.53
C ASN A 44 2.35 -36.90 14.56
N ILE A 45 2.02 -36.16 13.51
CA ILE A 45 0.99 -36.56 12.55
C ILE A 45 1.55 -37.63 11.63
N ASN A 46 2.51 -37.25 10.78
CA ASN A 46 3.09 -38.17 9.80
C ASN A 46 4.61 -38.14 9.92
N THR A 47 5.24 -39.17 9.36
CA THR A 47 6.69 -39.30 9.40
C THR A 47 7.36 -39.04 8.05
N ILE A 48 6.66 -39.25 6.94
CA ILE A 48 7.25 -39.13 5.60
C ILE A 48 6.72 -37.89 4.88
N GLU A 49 5.42 -37.83 4.63
CA GLU A 49 4.85 -36.76 3.82
C GLU A 49 5.34 -35.39 4.30
N LYS A 50 5.66 -34.53 3.34
CA LYS A 50 6.15 -33.19 3.61
C LYS A 50 5.05 -32.17 3.32
N PHE A 51 5.08 -31.07 4.05
CA PHE A 51 3.93 -30.20 4.16
C PHE A 51 3.99 -29.06 3.14
N ASN A 52 2.82 -28.69 2.62
CA ASN A 52 2.73 -27.61 1.65
C ASN A 52 1.41 -26.84 1.76
N GLU A 53 0.65 -27.01 2.82
CA GLU A 53 -0.70 -26.49 2.95
C GLU A 53 -0.73 -25.29 3.88
N PRO A 54 -1.85 -24.57 3.94
CA PRO A 54 -1.91 -23.38 4.81
C PRO A 54 -1.80 -23.71 6.28
N ILE A 55 -1.30 -22.74 7.05
CA ILE A 55 -1.20 -22.86 8.50
C ILE A 55 -1.73 -21.59 9.13
N LEU A 56 -2.52 -21.76 10.20
CA LEU A 56 -2.91 -20.67 11.08
C LEU A 56 -2.41 -20.97 12.48
N PHE A 57 -1.65 -20.04 13.05
CA PHE A 57 -1.07 -20.22 14.37
C PHE A 57 -1.49 -19.07 15.27
N LEU A 58 -2.12 -19.39 16.39
CA LEU A 58 -2.67 -18.40 17.31
C LEU A 58 -1.87 -18.38 18.60
N TRP A 59 -1.62 -17.18 19.13
CA TRP A 59 -0.78 -17.05 20.31
C TRP A 59 -1.02 -15.69 20.95
N ARG A 60 -0.73 -15.62 22.25
CA ARG A 60 -0.87 -14.39 23.02
C ARG A 60 0.40 -14.17 23.83
N ASN A 61 0.66 -12.90 24.15
CA ASN A 61 1.86 -12.52 24.88
C ASN A 61 1.49 -11.55 26.00
N ASN A 62 2.24 -11.62 27.09
CA ASN A 62 2.05 -10.72 28.21
C ASN A 62 2.63 -9.35 27.84
N ARG A 63 2.72 -8.46 28.84
CA ARG A 63 3.12 -7.09 28.60
C ARG A 63 4.49 -7.05 27.92
N SER A 64 4.51 -6.55 26.68
CA SER A 64 5.73 -6.60 25.87
C SER A 64 5.76 -5.42 24.90
N ILE A 65 6.99 -5.10 24.46
CA ILE A 65 7.24 -4.17 23.37
C ILE A 65 8.01 -4.92 22.31
N ILE A 66 7.46 -5.01 21.11
CA ILE A 66 8.10 -5.67 19.98
C ILE A 66 8.42 -4.59 18.96
N ILE A 67 9.70 -4.50 18.59
CA ILE A 67 10.22 -3.35 17.85
C ILE A 67 10.05 -3.54 16.36
N GLY A 68 10.90 -4.38 15.77
CA GLY A 68 10.96 -4.53 14.33
C GLY A 68 12.38 -4.73 13.86
N LYS A 69 12.57 -5.56 12.84
CA LYS A 69 13.92 -6.00 12.47
C LYS A 69 14.86 -4.83 12.20
N ASN A 70 14.33 -3.71 11.71
CA ASN A 70 15.16 -2.60 11.23
C ASN A 70 14.90 -1.29 11.98
N GLN A 71 14.25 -1.36 13.14
CA GLN A 71 13.96 -0.15 13.89
C GLN A 71 15.04 0.11 14.95
N ASN A 72 15.16 1.38 15.34
CA ASN A 72 16.09 1.80 16.38
C ASN A 72 15.34 1.85 17.71
N ILE A 73 15.81 1.07 18.67
CA ILE A 73 15.07 0.93 19.93
C ILE A 73 15.02 2.26 20.68
N TRP A 74 16.09 3.05 20.59
CA TRP A 74 16.19 4.26 21.39
C TRP A 74 15.24 5.35 20.92
N SER A 75 14.85 5.35 19.65
CA SER A 75 13.96 6.37 19.11
C SER A 75 12.49 6.06 19.35
N GLU A 76 12.12 4.78 19.39
CA GLU A 76 10.72 4.39 19.52
C GLU A 76 10.31 4.12 20.97
N CYS A 77 11.24 3.64 21.79
CA CYS A 77 10.91 3.18 23.14
C CYS A 77 11.46 4.14 24.18
N ASN A 78 10.69 4.34 25.25
CA ASN A 78 11.15 5.04 26.44
C ASN A 78 11.54 3.97 27.47
N LEU A 79 12.75 3.44 27.30
CA LEU A 79 13.16 2.23 28.01
C LEU A 79 13.00 2.37 29.52
N LYS A 80 13.23 3.57 30.05
CA LYS A 80 13.15 3.78 31.49
C LYS A 80 11.83 3.26 32.06
N ASN A 81 10.72 3.67 31.45
CA ASN A 81 9.41 3.24 31.94
C ASN A 81 9.17 1.77 31.66
N ILE A 82 9.78 1.22 30.61
CA ILE A 82 9.63 -0.20 30.33
C ILE A 82 10.25 -1.02 31.46
N LYS A 83 11.50 -0.73 31.78
CA LYS A 83 12.17 -1.44 32.86
C LYS A 83 11.47 -1.18 34.20
N GLU A 84 11.03 0.05 34.42
CA GLU A 84 10.34 0.37 35.67
C GLU A 84 9.05 -0.43 35.81
N ASP A 85 8.35 -0.65 34.70
CA ASP A 85 7.08 -1.36 34.71
C ASP A 85 7.22 -2.85 34.45
N GLY A 86 8.45 -3.35 34.32
CA GLY A 86 8.65 -4.78 34.10
C GLY A 86 8.05 -5.29 32.81
N VAL A 87 8.23 -4.55 31.72
CA VAL A 87 7.76 -4.96 30.40
C VAL A 87 8.91 -5.57 29.63
N LEU A 88 8.65 -6.70 28.97
CA LEU A 88 9.68 -7.37 28.18
C LEU A 88 9.87 -6.65 26.85
N VAL A 89 11.07 -6.81 26.29
CA VAL A 89 11.44 -6.16 25.04
C VAL A 89 11.88 -7.23 24.05
N ALA A 90 11.51 -7.06 22.79
CA ALA A 90 11.87 -8.04 21.76
C ALA A 90 11.98 -7.34 20.41
N ARG A 91 12.70 -8.00 19.51
CA ARG A 91 12.85 -7.55 18.13
C ARG A 91 12.46 -8.71 17.22
N ARG A 92 11.43 -8.50 16.40
CA ARG A 92 10.95 -9.54 15.52
C ARG A 92 11.76 -9.55 14.22
N PHE A 93 11.48 -10.56 13.38
CA PHE A 93 12.20 -10.73 12.12
C PHE A 93 11.52 -10.02 10.96
N THR A 94 10.32 -9.49 11.15
CA THR A 94 9.60 -8.78 10.09
C THR A 94 9.80 -7.28 10.25
N GLY A 95 9.26 -6.52 9.30
CA GLY A 95 9.29 -5.08 9.37
C GLY A 95 8.10 -4.53 10.14
N GLY A 96 8.02 -3.20 10.15
CA GLY A 96 6.93 -2.49 10.81
C GLY A 96 7.43 -1.64 11.95
N GLY A 97 6.48 -1.08 12.69
CA GLY A 97 6.78 -0.21 13.81
C GLY A 97 6.71 -0.93 15.14
N ALA A 98 7.11 -0.20 16.19
CA ALA A 98 7.08 -0.75 17.53
C ALA A 98 5.64 -0.86 18.03
N VAL A 99 5.28 -2.04 18.55
CA VAL A 99 3.94 -2.29 19.05
C VAL A 99 4.03 -2.85 20.46
N TYR A 100 2.91 -2.77 21.17
CA TYR A 100 2.78 -3.24 22.54
C TYR A 100 1.83 -4.43 22.58
N HIS A 101 2.13 -5.38 23.45
CA HIS A 101 1.33 -6.60 23.59
C HIS A 101 0.95 -6.81 25.04
N ASP A 102 -0.22 -7.40 25.24
CA ASP A 102 -0.60 -7.94 26.54
C ASP A 102 -1.70 -8.97 26.29
N LEU A 103 -2.22 -9.54 27.38
CA LEU A 103 -3.23 -10.59 27.25
C LEU A 103 -4.53 -10.07 26.68
N GLY A 104 -4.69 -8.76 26.51
CA GLY A 104 -5.89 -8.21 25.91
C GLY A 104 -5.90 -8.23 24.40
N ASN A 105 -4.89 -8.83 23.76
CA ASN A 105 -4.81 -8.86 22.31
C ASN A 105 -4.37 -10.25 21.86
N VAL A 106 -4.81 -10.64 20.67
CA VAL A 106 -4.45 -11.91 20.08
C VAL A 106 -3.42 -11.67 18.99
N CYS A 107 -2.65 -12.71 18.69
CA CYS A 107 -1.65 -12.68 17.62
C CYS A 107 -1.90 -13.87 16.69
N PHE A 108 -2.01 -13.59 15.40
CA PHE A 108 -2.25 -14.59 14.38
C PHE A 108 -1.05 -14.67 13.44
N THR A 109 -0.79 -15.87 12.93
CA THR A 109 0.32 -16.10 12.02
C THR A 109 -0.16 -17.03 10.91
N PHE A 110 -0.31 -16.50 9.71
CA PHE A 110 -0.63 -17.30 8.54
C PHE A 110 0.65 -17.68 7.82
N LEU A 111 0.81 -18.98 7.54
CA LEU A 111 1.90 -19.47 6.71
C LEU A 111 1.32 -20.11 5.46
N ASN A 112 1.90 -19.80 4.30
CA ASN A 112 1.38 -20.31 3.05
C ASN A 112 2.53 -20.64 2.10
N ASN A 113 2.20 -21.41 1.07
CA ASN A 113 3.19 -21.72 0.03
C ASN A 113 3.46 -20.49 -0.84
N ASN A 114 2.43 -19.71 -1.13
CA ASN A 114 2.55 -18.48 -1.89
C ASN A 114 2.01 -17.32 -1.06
N ILE A 115 2.22 -16.10 -1.56
CA ILE A 115 1.69 -14.92 -0.87
C ILE A 115 0.17 -15.03 -0.79
N ASN A 116 -0.36 -14.80 0.40
CA ASN A 116 -1.78 -15.01 0.68
C ASN A 116 -2.35 -13.90 1.55
N THR A 117 -1.76 -12.70 1.47
CA THR A 117 -2.17 -11.59 2.32
C THR A 117 -3.67 -11.31 2.19
N SER A 118 -4.11 -10.96 0.98
CA SER A 118 -5.50 -10.59 0.77
C SER A 118 -6.45 -11.67 1.28
N SER A 119 -6.16 -12.93 0.95
CA SER A 119 -7.03 -14.03 1.39
C SER A 119 -7.08 -14.11 2.91
N ASN A 120 -5.92 -14.00 3.57
CA ASN A 120 -5.90 -14.02 5.03
C ASN A 120 -6.79 -12.92 5.60
N PHE A 121 -6.61 -11.69 5.11
CA PHE A 121 -7.46 -10.59 5.55
C PHE A 121 -8.94 -10.88 5.27
N LEU A 122 -9.23 -11.64 4.22
CA LEU A 122 -10.62 -11.99 3.95
C LEU A 122 -11.15 -13.00 4.96
N ILE A 123 -10.30 -13.93 5.39
CA ILE A 123 -10.70 -14.85 6.46
C ILE A 123 -11.02 -14.07 7.72
N ILE A 124 -10.17 -13.11 8.07
CA ILE A 124 -10.40 -12.32 9.29
C ILE A 124 -11.68 -11.51 9.16
N LEU A 125 -11.84 -10.78 8.05
CA LEU A 125 -13.03 -9.97 7.86
C LEU A 125 -14.29 -10.82 7.90
N ASN A 126 -14.27 -11.99 7.24
CA ASN A 126 -15.40 -12.90 7.31
C ASN A 126 -15.68 -13.33 8.74
N THR A 127 -14.62 -13.56 9.52
CA THR A 127 -14.80 -13.85 10.94
C THR A 127 -15.59 -12.75 11.62
N LEU A 128 -15.05 -11.53 11.60
CA LEU A 128 -15.70 -10.42 12.32
C LEU A 128 -17.14 -10.23 11.86
N LYS A 129 -17.36 -10.23 10.55
CA LYS A 129 -18.69 -9.98 10.01
C LYS A 129 -19.66 -11.09 10.41
N ASN A 130 -19.35 -12.33 10.03
CA ASN A 130 -20.29 -13.42 10.22
C ASN A 130 -20.57 -13.69 11.69
N HIS A 131 -19.53 -13.67 12.53
CA HIS A 131 -19.66 -14.13 13.90
C HIS A 131 -19.82 -13.01 14.91
N PHE A 132 -19.64 -11.75 14.50
CA PHE A 132 -19.79 -10.64 15.44
C PHE A 132 -20.44 -9.42 14.81
N ASN A 133 -20.90 -9.52 13.57
CA ASN A 133 -21.56 -8.40 12.87
C ASN A 133 -20.74 -7.13 12.97
N ILE A 134 -19.42 -7.27 12.90
CA ILE A 134 -18.48 -6.15 12.91
C ILE A 134 -18.04 -5.93 11.46
N GLU A 135 -18.50 -4.84 10.87
CA GLU A 135 -18.15 -4.49 9.50
C GLU A 135 -16.79 -3.80 9.51
N ALA A 136 -15.76 -4.52 9.08
CA ALA A 136 -14.39 -4.04 9.11
C ALA A 136 -13.86 -3.83 7.70
N LYS A 137 -12.95 -2.86 7.56
CA LYS A 137 -12.28 -2.57 6.30
C LYS A 137 -10.78 -2.72 6.49
N THR A 138 -10.08 -3.05 5.42
CA THR A 138 -8.62 -3.09 5.41
C THR A 138 -8.15 -1.75 4.85
N GLN A 139 -7.34 -1.03 5.64
CA GLN A 139 -6.95 0.32 5.27
C GLN A 139 -5.79 0.30 4.28
N GLY A 140 -4.68 -0.35 4.66
CA GLY A 140 -3.53 -0.47 3.78
C GLY A 140 -3.14 -1.92 3.58
N ARG A 141 -1.87 -2.16 3.27
CA ARG A 141 -1.39 -3.52 3.07
C ARG A 141 -1.36 -4.32 4.37
N ASN A 142 -1.47 -3.65 5.53
CA ASN A 142 -1.16 -4.30 6.80
C ASN A 142 -2.09 -3.93 7.95
N ASP A 143 -3.18 -3.20 7.71
CA ASP A 143 -4.02 -2.72 8.78
C ASP A 143 -5.49 -3.05 8.53
N ILE A 144 -6.22 -3.23 9.63
CA ILE A 144 -7.67 -3.42 9.60
C ILE A 144 -8.30 -2.35 10.47
N THR A 145 -9.25 -1.62 9.90
CA THR A 145 -10.01 -0.62 10.63
C THR A 145 -11.46 -1.05 10.76
N VAL A 146 -12.14 -0.52 11.77
CA VAL A 146 -13.56 -0.75 11.98
C VAL A 146 -14.36 0.52 11.81
N ASN A 147 -13.82 1.65 12.28
CA ASN A 147 -14.41 2.97 12.07
C ASN A 147 -13.30 3.95 11.71
N ASP A 148 -12.45 3.56 10.76
CA ASP A 148 -11.23 4.27 10.42
C ASP A 148 -10.21 4.21 11.56
N GLN A 149 -10.42 3.32 12.53
CA GLN A 149 -9.58 3.18 13.71
C GLN A 149 -8.91 1.82 13.69
N LYS A 150 -7.60 1.80 13.94
CA LYS A 150 -6.85 0.56 13.87
C LYS A 150 -7.34 -0.43 14.92
N CYS A 151 -7.64 -1.65 14.49
CA CYS A 151 -7.92 -2.76 15.40
C CYS A 151 -7.00 -3.95 15.16
N SER A 152 -6.21 -3.93 14.09
CA SER A 152 -5.26 -5.01 13.83
C SER A 152 -4.09 -4.45 13.02
N GLY A 153 -2.92 -5.06 13.22
CA GLY A 153 -1.72 -4.61 12.54
C GLY A 153 -0.81 -5.74 12.13
N SER A 154 -0.47 -5.84 10.85
CA SER A 154 0.20 -7.00 10.30
C SER A 154 1.61 -6.68 9.83
N ALA A 155 2.38 -7.75 9.64
CA ALA A 155 3.73 -7.66 9.09
C ALA A 155 4.03 -8.98 8.39
N PHE A 156 5.01 -8.95 7.48
CA PHE A 156 5.22 -10.05 6.56
C PHE A 156 6.71 -10.38 6.46
N LYS A 157 6.98 -11.62 6.04
CA LYS A 157 8.32 -12.06 5.70
C LYS A 157 8.21 -13.15 4.66
N LYS A 158 9.09 -13.11 3.67
CA LYS A 158 9.09 -14.05 2.56
C LYS A 158 10.34 -14.91 2.59
N ILE A 159 10.19 -16.17 2.18
CA ILE A 159 11.29 -17.12 2.14
C ILE A 159 11.02 -18.11 1.00
N LYS A 160 12.10 -18.71 0.48
CA LYS A 160 12.08 -19.54 -0.71
C LYS A 160 10.74 -20.22 -0.95
N ASP A 161 10.26 -21.01 0.01
CA ASP A 161 9.05 -21.80 -0.15
C ASP A 161 7.91 -21.39 0.77
N VAL A 162 8.11 -20.38 1.61
CA VAL A 162 7.14 -20.04 2.65
C VAL A 162 6.87 -18.54 2.63
N PHE A 163 5.62 -18.17 2.89
CA PHE A 163 5.23 -16.79 3.11
C PHE A 163 4.56 -16.69 4.47
N LEU A 164 5.03 -15.74 5.28
CA LEU A 164 4.58 -15.56 6.66
C LEU A 164 3.93 -14.19 6.80
N HIS A 165 2.63 -14.19 7.11
CA HIS A 165 1.86 -12.97 7.37
C HIS A 165 1.37 -13.07 8.80
N HIS A 166 2.04 -12.39 9.72
CA HIS A 166 1.66 -12.43 11.14
C HIS A 166 1.29 -11.04 11.62
N GLY A 167 0.15 -10.95 12.29
CA GLY A 167 -0.38 -9.67 12.73
C GLY A 167 -1.05 -9.80 14.09
N THR A 168 -1.52 -8.66 14.59
CA THR A 168 -2.15 -8.57 15.90
C THR A 168 -3.60 -8.13 15.74
N ILE A 169 -4.46 -8.72 16.56
CA ILE A 169 -5.87 -8.34 16.67
C ILE A 169 -6.08 -7.80 18.09
N LEU A 170 -6.86 -6.74 18.20
CA LEU A 170 -7.06 -6.04 19.47
C LEU A 170 -8.43 -6.41 20.04
N ILE A 171 -8.41 -7.07 21.21
CA ILE A 171 -9.63 -7.46 21.90
C ILE A 171 -9.85 -6.52 23.08
N ASN A 172 -9.00 -6.65 24.11
CA ASN A 172 -9.11 -5.89 25.34
C ASN A 172 -7.79 -5.23 25.71
N LEU A 173 -6.98 -4.89 24.72
CA LEU A 173 -5.69 -4.27 24.97
C LEU A 173 -5.86 -3.00 25.80
N GLU A 174 -4.93 -2.79 26.73
CA GLU A 174 -4.89 -1.56 27.51
C GLU A 174 -4.43 -0.42 26.60
N LYS A 175 -5.36 0.40 26.14
CA LYS A 175 -5.05 1.39 25.12
C LYS A 175 -4.26 2.57 25.68
N ASN A 176 -4.59 3.03 26.89
CA ASN A 176 -3.97 4.24 27.41
C ASN A 176 -2.51 4.00 27.81
N ILE A 177 -2.17 2.80 28.25
CA ILE A 177 -0.82 2.54 28.75
C ILE A 177 0.22 2.68 27.65
N LEU A 178 -0.18 2.56 26.39
CA LEU A 178 0.77 2.55 25.28
C LEU A 178 1.72 3.73 25.35
N ASN A 179 1.18 4.94 25.53
CA ASN A 179 1.98 6.15 25.49
C ASN A 179 3.08 6.19 26.54
N LYS A 180 3.07 5.27 27.52
CA LYS A 180 4.15 5.21 28.48
C LYS A 180 5.41 4.60 27.90
N TYR A 181 5.27 3.69 26.93
CA TYR A 181 6.37 2.88 26.43
C TYR A 181 6.85 3.29 25.05
N LEU A 182 5.94 3.70 24.17
CA LEU A 182 6.29 4.07 22.80
C LEU A 182 6.78 5.52 22.79
N THR A 183 8.01 5.69 23.31
CA THR A 183 8.62 7.00 23.50
C THR A 183 7.61 8.05 23.93
N THR A 201 -5.24 6.62 16.10
CA THR A 201 -5.76 6.16 17.38
C THR A 201 -6.04 4.66 17.37
N ILE A 202 -6.27 4.09 18.54
CA ILE A 202 -6.51 2.67 18.71
C ILE A 202 -7.97 2.47 19.09
N ASN A 203 -8.51 1.29 18.76
CA ASN A 203 -9.87 0.94 19.14
C ASN A 203 -9.91 -0.52 19.54
N LEU A 204 -10.47 -0.80 20.71
CA LEU A 204 -10.65 -2.17 21.17
C LEU A 204 -11.95 -2.72 20.60
N SER A 205 -11.89 -3.92 20.04
CA SER A 205 -13.08 -4.54 19.48
C SER A 205 -14.12 -4.87 20.56
N GLU A 206 -13.78 -4.71 21.84
CA GLU A 206 -14.78 -4.82 22.90
C GLU A 206 -15.67 -3.59 22.97
N ILE A 207 -15.14 -2.42 22.55
CA ILE A 207 -15.95 -1.21 22.50
C ILE A 207 -17.16 -1.40 21.59
N ASN A 208 -17.14 -2.41 20.72
CA ASN A 208 -18.23 -2.67 19.80
C ASN A 208 -18.98 -3.97 20.08
N ASN A 209 -18.44 -4.87 20.88
CA ASN A 209 -19.07 -6.17 21.10
C ASN A 209 -18.58 -6.74 22.43
N ASN A 210 -19.14 -7.89 22.79
CA ASN A 210 -18.78 -8.64 24.00
C ASN A 210 -17.81 -9.78 23.67
N ILE A 211 -16.89 -9.54 22.75
CA ILE A 211 -15.98 -10.58 22.27
C ILE A 211 -15.03 -11.02 23.36
N THR A 212 -14.37 -12.15 23.14
CA THR A 212 -13.32 -12.66 24.01
C THR A 212 -12.21 -13.23 23.14
N CYS A 213 -11.05 -13.46 23.74
CA CYS A 213 -9.95 -14.09 23.02
C CYS A 213 -10.36 -15.48 22.53
N GLU A 214 -10.99 -16.27 23.40
CA GLU A 214 -11.44 -17.60 23.00
C GLU A 214 -12.52 -17.52 21.93
N ASN A 215 -13.48 -16.62 22.10
CA ASN A 215 -14.56 -16.47 21.11
C ASN A 215 -13.98 -16.09 19.75
N LEU A 216 -13.24 -14.99 19.69
CA LEU A 216 -12.64 -14.56 18.43
C LEU A 216 -11.79 -15.65 17.82
N CYS A 217 -10.97 -16.33 18.63
CA CYS A 217 -10.11 -17.38 18.12
C CYS A 217 -10.93 -18.50 17.48
N ILE A 218 -11.95 -18.99 18.19
CA ILE A 218 -12.78 -20.07 17.66
C ILE A 218 -13.42 -19.66 16.35
N ALA A 219 -14.06 -18.49 16.32
CA ALA A 219 -14.66 -18.02 15.08
C ALA A 219 -13.63 -17.96 13.96
N LEU A 220 -12.42 -17.50 14.27
CA LEU A 220 -11.38 -17.35 13.26
C LEU A 220 -10.96 -18.71 12.70
N ILE A 221 -10.81 -19.72 13.56
CA ILE A 221 -10.50 -21.06 13.10
C ILE A 221 -11.62 -21.58 12.21
N LYS A 222 -12.88 -21.33 12.62
CA LYS A 222 -14.02 -21.73 11.80
C LYS A 222 -13.92 -21.16 10.40
N GLU A 223 -13.81 -19.84 10.28
CA GLU A 223 -13.74 -19.22 8.96
C GLU A 223 -12.48 -19.59 8.21
N PHE A 224 -11.42 -20.00 8.91
CA PHE A 224 -10.21 -20.47 8.26
C PHE A 224 -10.44 -21.81 7.56
N THR A 225 -10.79 -22.83 8.35
CA THR A 225 -11.09 -24.15 7.78
C THR A 225 -12.15 -24.03 6.69
N LYS A 226 -13.22 -23.28 6.96
CA LYS A 226 -14.28 -23.11 5.97
C LYS A 226 -13.75 -22.44 4.72
N PHE A 227 -12.88 -21.43 4.88
CA PHE A 227 -12.31 -20.77 3.72
C PHE A 227 -11.54 -21.76 2.85
N TYR A 228 -10.79 -22.66 3.46
CA TYR A 228 -10.03 -23.64 2.70
C TYR A 228 -10.79 -24.93 2.46
N GLU A 229 -12.11 -24.95 2.71
CA GLU A 229 -12.96 -26.09 2.40
C GLU A 229 -13.96 -25.79 1.29
N GLN A 230 -13.71 -24.75 0.49
CA GLN A 230 -14.63 -24.39 -0.58
C GLN A 230 -14.73 -25.48 -1.63
N ASN A 231 -13.58 -25.88 -2.20
CA ASN A 231 -13.58 -26.83 -3.30
C ASN A 231 -14.40 -28.08 -2.98
N TYR A 232 -14.21 -28.62 -1.78
CA TYR A 232 -14.89 -29.85 -1.41
C TYR A 232 -16.39 -29.63 -1.24
N ASN A 233 -17.18 -30.61 -1.63
CA ASN A 233 -18.62 -30.58 -1.42
C ASN A 233 -18.92 -30.96 0.02
N THR A 234 -19.80 -30.20 0.67
CA THR A 234 -20.04 -30.37 2.11
C THR A 234 -20.62 -31.73 2.44
N ASN A 235 -21.43 -32.30 1.54
CA ASN A 235 -22.13 -33.55 1.85
C ASN A 235 -21.17 -34.73 2.01
N ILE A 236 -19.93 -34.62 1.53
CA ILE A 236 -19.00 -35.74 1.58
C ILE A 236 -17.95 -35.58 2.68
N ILE A 237 -17.67 -34.36 3.12
CA ILE A 237 -16.55 -34.09 4.03
C ILE A 237 -17.08 -33.88 5.44
N PRO A 238 -16.34 -34.29 6.48
CA PRO A 238 -16.80 -34.02 7.85
C PRO A 238 -16.78 -32.53 8.16
N ASN A 239 -17.75 -32.09 8.96
CA ASN A 239 -17.78 -30.72 9.46
C ASN A 239 -17.01 -30.67 10.78
N ASP A 240 -15.68 -30.76 10.64
CA ASP A 240 -14.80 -30.93 11.78
C ASP A 240 -13.74 -29.84 11.82
N ILE A 241 -13.17 -29.65 13.01
CA ILE A 241 -12.09 -28.71 13.24
C ILE A 241 -11.03 -29.43 14.07
N THR A 242 -9.76 -29.15 13.80
CA THR A 242 -8.64 -29.76 14.52
C THR A 242 -7.69 -28.67 14.96
N VAL A 243 -7.18 -28.82 16.19
CA VAL A 243 -6.34 -27.81 16.82
C VAL A 243 -5.15 -28.51 17.46
N HIS A 244 -3.94 -28.10 17.10
CA HIS A 244 -2.72 -28.63 17.69
C HIS A 244 -2.14 -27.65 18.69
N TYR A 245 -1.53 -28.18 19.75
CA TYR A 245 -0.88 -27.39 20.78
C TYR A 245 0.61 -27.69 20.77
N ILE A 246 1.42 -26.67 20.51
CA ILE A 246 2.85 -26.86 20.24
C ILE A 246 3.74 -26.29 21.33
N ASP A 247 3.23 -25.42 22.21
CA ASP A 247 4.07 -24.83 23.24
C ASP A 247 4.70 -25.87 24.15
N GLN A 248 4.22 -27.11 24.14
CA GLN A 248 4.81 -28.20 24.91
C GLN A 248 5.29 -29.35 24.05
N ASN A 249 5.17 -29.25 22.72
CA ASN A 249 5.68 -30.28 21.82
C ASN A 249 7.20 -30.29 21.91
N ASN A 250 7.74 -31.25 22.66
CA ASN A 250 9.18 -31.26 22.95
C ASN A 250 10.01 -31.36 21.66
N ASN A 251 9.47 -32.00 20.61
CA ASN A 251 10.19 -32.04 19.35
C ASN A 251 10.45 -30.64 18.80
N ILE A 252 9.55 -29.70 19.10
CA ILE A 252 9.69 -28.33 18.63
C ILE A 252 10.48 -27.49 19.61
N THR A 253 10.14 -27.56 20.90
CA THR A 253 10.69 -26.65 21.89
C THR A 253 11.95 -27.17 22.58
N LYS A 254 12.30 -28.44 22.38
CA LYS A 254 13.54 -29.00 22.89
C LYS A 254 14.60 -29.12 21.81
N ASN A 255 14.32 -28.62 20.61
CA ASN A 255 15.28 -28.68 19.51
C ASN A 255 16.40 -27.68 19.73
N PRO A 256 17.64 -28.02 19.32
CA PRO A 256 18.72 -27.03 19.44
C PRO A 256 18.48 -25.78 18.62
N GLU A 257 17.85 -25.91 17.46
CA GLU A 257 17.51 -24.74 16.66
C GLU A 257 16.55 -23.83 17.42
N PHE A 258 15.52 -24.41 18.04
CA PHE A 258 14.58 -23.62 18.82
C PHE A 258 15.30 -22.87 19.93
N LEU A 259 16.11 -23.56 20.72
CA LEU A 259 16.87 -22.89 21.78
C LEU A 259 17.78 -21.81 21.21
N LYS A 260 18.31 -22.01 20.01
CA LYS A 260 19.10 -20.97 19.36
C LYS A 260 18.26 -19.72 19.13
N TYR A 261 17.10 -19.87 18.49
CA TYR A 261 16.21 -18.74 18.28
C TYR A 261 15.86 -18.06 19.60
N TYR A 262 15.44 -18.85 20.59
CA TYR A 262 15.03 -18.29 21.88
C TYR A 262 16.15 -17.48 22.51
N ASN A 263 17.37 -18.03 22.52
CA ASN A 263 18.50 -17.32 23.12
C ASN A 263 18.81 -16.04 22.35
N LEU A 264 18.75 -16.09 21.01
CA LEU A 264 18.98 -14.90 20.22
C LEU A 264 17.97 -13.81 20.56
N LEU A 265 16.69 -14.17 20.57
CA LEU A 265 15.64 -13.19 20.88
C LEU A 265 15.77 -12.66 22.30
N LYS A 266 16.26 -13.49 23.22
CA LYS A 266 16.52 -13.05 24.59
C LYS A 266 17.79 -12.23 24.69
N ASP A 267 18.71 -12.38 23.73
CA ASP A 267 19.99 -11.69 23.80
C ASP A 267 19.80 -10.18 23.81
N TRP A 268 20.80 -9.49 24.36
CA TRP A 268 20.74 -8.04 24.45
C TRP A 268 21.22 -7.37 23.17
N ASP A 269 22.28 -7.91 22.56
CA ASP A 269 22.82 -7.32 21.34
C ASP A 269 21.83 -7.37 20.18
N TRP A 270 20.88 -8.31 20.19
CA TRP A 270 19.91 -8.40 19.11
C TRP A 270 18.77 -7.41 19.29
N CYS A 271 18.14 -7.41 20.46
CA CYS A 271 17.04 -6.49 20.71
C CYS A 271 17.51 -5.04 20.65
N TYR A 272 18.50 -4.70 21.49
CA TYR A 272 19.03 -3.35 21.51
C TYR A 272 19.89 -3.03 20.29
N GLY A 273 20.26 -4.04 19.51
CA GLY A 273 20.99 -3.81 18.28
C GLY A 273 22.44 -3.43 18.52
N LYS A 274 22.96 -2.60 17.62
CA LYS A 274 24.34 -2.15 17.65
C LYS A 274 24.39 -0.64 17.87
N THR A 275 25.35 -0.21 18.69
CA THR A 275 25.56 1.21 18.99
C THR A 275 26.50 1.90 18.01
N PRO A 276 27.40 1.18 17.28
CA PRO A 276 28.48 1.87 16.54
C PRO A 276 28.09 3.19 15.91
N LYS A 277 28.90 4.22 16.18
CA LYS A 277 28.66 5.54 15.62
C LYS A 277 29.01 5.56 14.15
N PHE A 278 28.59 6.63 13.46
CA PHE A 278 28.83 6.77 12.04
C PHE A 278 29.01 8.23 11.70
N GLN A 279 29.84 8.49 10.68
CA GLN A 279 30.19 9.86 10.31
C GLN A 279 28.94 10.64 9.89
N ASN A 280 28.22 10.14 8.89
CA ASN A 280 27.12 10.87 8.28
C ASN A 280 25.81 10.13 8.46
N HIS A 281 24.72 10.88 8.47
CA HIS A 281 23.38 10.35 8.73
C HIS A 281 22.35 11.16 7.97
N ILE A 282 21.58 10.50 7.11
CA ILE A 282 20.49 11.14 6.37
C ILE A 282 19.20 10.41 6.70
N TRP A 283 18.07 11.05 6.39
CA TRP A 283 16.78 10.47 6.76
C TRP A 283 15.67 11.15 5.96
N LYS A 284 14.55 10.43 5.84
CA LYS A 284 13.36 10.98 5.21
C LYS A 284 12.16 10.12 5.59
N GLN A 285 10.97 10.72 5.51
CA GLN A 285 9.72 10.03 5.80
C GLN A 285 9.00 9.75 4.47
N PHE A 286 8.91 8.48 4.11
CA PHE A 286 8.21 8.04 2.91
C PHE A 286 6.83 7.51 3.26
N THR A 287 5.98 7.42 2.24
CA THR A 287 4.65 6.84 2.43
C THR A 287 4.74 5.43 2.99
N PHE A 288 5.75 4.67 2.56
CA PHE A 288 5.95 3.30 3.02
C PHE A 288 6.78 3.24 4.30
N GLY A 289 7.06 4.38 4.94
CA GLY A 289 7.75 4.40 6.21
C GLY A 289 8.97 5.29 6.18
N LYS A 290 9.55 5.48 7.36
CA LYS A 290 10.74 6.30 7.51
C LYS A 290 11.99 5.52 7.11
N LEU A 291 13.00 6.26 6.68
CA LEU A 291 14.28 5.70 6.29
C LEU A 291 15.40 6.54 6.87
N GLU A 292 16.38 5.86 7.46
CA GLU A 292 17.54 6.51 8.08
C GLU A 292 18.79 5.75 7.66
N LEU A 293 19.70 6.44 6.99
CA LEU A 293 20.96 5.87 6.54
C LEU A 293 22.11 6.47 7.34
N PHE A 294 22.94 5.61 7.91
CA PHE A 294 24.19 6.01 8.55
C PHE A 294 25.34 5.44 7.73
N PHE A 295 26.36 6.25 7.46
CA PHE A 295 27.44 5.78 6.61
C PHE A 295 28.73 6.55 6.90
N ASN A 296 29.84 5.90 6.56
CA ASN A 296 31.17 6.49 6.60
C ASN A 296 31.77 6.45 5.21
N VAL A 297 32.70 7.36 4.94
CA VAL A 297 33.36 7.45 3.64
C VAL A 297 34.84 7.69 3.86
N SER A 298 35.67 6.85 3.24
CA SER A 298 37.12 6.98 3.30
C SER A 298 37.69 6.81 1.91
N ASN A 299 38.43 7.82 1.44
CA ASN A 299 39.05 7.78 0.12
C ASN A 299 37.99 7.70 -0.97
N GLY A 300 36.92 8.48 -0.82
CA GLY A 300 35.86 8.51 -1.81
C GLY A 300 35.19 7.17 -2.04
N PHE A 301 34.91 6.45 -0.95
CA PHE A 301 34.25 5.15 -1.03
C PHE A 301 33.37 4.96 0.19
N ILE A 302 32.16 4.44 -0.02
CA ILE A 302 31.22 4.22 1.07
C ILE A 302 31.71 2.98 1.81
N LYS A 303 32.38 3.18 2.95
CA LYS A 303 32.97 2.08 3.68
C LYS A 303 31.90 1.23 4.36
N ASP A 304 31.40 1.68 5.50
CA ASP A 304 30.41 0.95 6.27
C ASP A 304 29.18 1.81 6.49
N GLY A 305 28.07 1.15 6.81
CA GLY A 305 26.82 1.86 7.02
C GLY A 305 25.78 0.96 7.65
N ASN A 306 24.59 1.51 7.81
CA ASN A 306 23.46 0.79 8.39
C ASN A 306 22.20 1.58 8.13
N ILE A 307 21.08 0.85 8.01
CA ILE A 307 19.78 1.46 7.70
C ILE A 307 18.81 1.09 8.79
N PHE A 308 18.16 2.11 9.38
CA PHE A 308 17.02 1.92 10.24
C PHE A 308 15.77 2.41 9.52
N SER A 309 14.64 1.78 9.77
CA SER A 309 13.45 2.09 8.99
C SER A 309 12.19 1.65 9.72
N ASP A 310 11.06 2.09 9.18
CA ASP A 310 9.72 1.75 9.66
C ASP A 310 8.97 0.90 8.64
N CYS A 311 9.68 0.33 7.68
CA CYS A 311 9.08 -0.21 6.46
C CYS A 311 8.69 -1.68 6.62
N LEU A 312 7.71 -2.09 5.82
CA LEU A 312 7.29 -3.49 5.76
C LEU A 312 8.12 -4.31 4.78
N ASP A 313 8.71 -3.66 3.77
CA ASP A 313 9.46 -4.37 2.73
C ASP A 313 10.89 -4.55 3.21
N ILE A 314 11.08 -5.58 4.05
CA ILE A 314 12.41 -5.87 4.60
C ILE A 314 13.38 -6.26 3.49
N ASN A 315 12.89 -6.96 2.46
CA ASN A 315 13.75 -7.32 1.33
C ASN A 315 14.35 -6.08 0.69
N LEU A 316 13.50 -5.11 0.34
CA LEU A 316 13.98 -3.85 -0.20
C LEU A 316 15.09 -3.26 0.66
N ILE A 317 14.92 -3.32 1.99
CA ILE A 317 15.84 -2.63 2.88
C ILE A 317 17.17 -3.37 2.98
N ASP A 318 17.14 -4.71 2.94
CA ASP A 318 18.40 -5.44 2.88
C ASP A 318 19.13 -5.18 1.57
N HIS A 319 18.37 -5.17 0.45
CA HIS A 319 18.98 -4.82 -0.82
C HIS A 319 19.59 -3.42 -0.79
N LEU A 320 18.99 -2.49 -0.03
CA LEU A 320 19.65 -1.21 0.19
C LEU A 320 20.92 -1.39 1.01
N LYS A 321 20.86 -2.19 2.07
CA LYS A 321 22.04 -2.43 2.89
C LYS A 321 23.20 -3.01 2.09
N SER A 322 22.92 -3.64 0.94
CA SER A 322 24.01 -4.15 0.11
C SER A 322 24.93 -3.05 -0.40
N ILE A 323 24.58 -1.77 -0.20
CA ILE A 323 25.45 -0.68 -0.65
C ILE A 323 26.68 -0.57 0.22
N PHE A 324 26.60 -0.99 1.47
CA PHE A 324 27.68 -0.80 2.42
C PHE A 324 28.71 -1.93 2.31
N ASN A 325 29.92 -1.63 2.79
CA ASN A 325 31.02 -2.60 2.83
C ASN A 325 31.33 -3.18 1.45
N ASN A 326 30.94 -2.48 0.39
CA ASN A 326 31.35 -2.80 -0.97
C ASN A 326 32.05 -1.59 -1.57
N ASP A 327 32.63 -1.78 -2.76
CA ASP A 327 33.45 -0.75 -3.37
C ASP A 327 32.59 0.09 -4.33
N ILE A 328 31.90 1.06 -3.74
CA ILE A 328 31.13 2.06 -4.47
C ILE A 328 31.75 3.42 -4.22
N LYS A 329 32.04 4.15 -5.30
CA LYS A 329 32.85 5.37 -5.25
C LYS A 329 32.16 6.55 -4.56
N TYR A 330 30.98 6.42 -3.97
CA TYR A 330 30.28 7.56 -3.37
C TYR A 330 30.15 8.69 -4.39
N SER A 331 29.65 8.34 -5.57
CA SER A 331 29.42 9.30 -6.64
C SER A 331 28.06 9.04 -7.25
N LYS A 332 27.40 10.12 -7.67
CA LYS A 332 26.10 9.99 -8.32
C LYS A 332 26.14 8.97 -9.44
N GLU A 333 27.26 8.90 -10.17
CA GLU A 333 27.40 7.94 -11.25
C GLU A 333 27.41 6.51 -10.71
N ASP A 334 28.35 6.21 -9.81
CA ASP A 334 28.46 4.87 -9.27
C ASP A 334 27.24 4.48 -8.44
N ILE A 335 26.64 5.44 -7.74
CA ILE A 335 25.43 5.14 -6.96
C ILE A 335 24.28 4.80 -7.90
N SER A 336 24.05 5.65 -8.91
CA SER A 336 23.00 5.37 -9.89
C SER A 336 23.20 4.00 -10.51
N ILE A 337 24.42 3.70 -10.95
CA ILE A 337 24.73 2.38 -11.49
C ILE A 337 24.35 1.30 -10.49
N PHE A 338 24.79 1.46 -9.24
CA PHE A 338 24.51 0.45 -8.22
C PHE A 338 23.02 0.20 -8.09
N PHE A 339 22.20 1.26 -8.11
CA PHE A 339 20.76 1.06 -8.08
C PHE A 339 20.26 0.37 -9.33
N LYS A 340 20.87 0.64 -10.48
CA LYS A 340 20.49 -0.05 -11.71
C LYS A 340 20.78 -1.53 -11.63
N LYS A 341 21.78 -1.92 -10.83
CA LYS A 341 22.18 -3.31 -10.74
C LYS A 341 21.21 -4.16 -9.92
N LEU A 342 20.38 -3.53 -9.08
CA LEU A 342 19.48 -4.28 -8.21
C LEU A 342 18.23 -4.71 -8.95
N ASN A 343 17.72 -5.88 -8.60
CA ASN A 343 16.40 -6.36 -9.02
C ASN A 343 15.62 -6.68 -7.74
N VAL A 344 14.67 -5.83 -7.41
CA VAL A 344 13.99 -5.89 -6.12
C VAL A 344 12.52 -6.27 -6.35
N GLU A 345 11.83 -6.55 -5.25
CA GLU A 345 10.40 -6.85 -5.33
C GLU A 345 9.61 -5.64 -5.80
N ASN A 346 9.85 -4.49 -5.18
CA ASN A 346 9.13 -3.25 -5.49
C ASN A 346 10.10 -2.27 -6.16
N LYS A 347 9.94 -2.09 -7.47
CA LYS A 347 10.82 -1.21 -8.21
C LYS A 347 10.43 0.26 -8.05
N ASN A 348 9.15 0.54 -7.79
CA ASN A 348 8.73 1.91 -7.55
C ASN A 348 9.38 2.48 -6.29
N TYR A 349 9.28 1.75 -5.18
CA TYR A 349 9.92 2.19 -3.95
C TYR A 349 11.41 2.40 -4.15
N LEU A 350 12.08 1.50 -4.86
CA LEU A 350 13.50 1.65 -5.10
C LEU A 350 13.79 2.91 -5.92
N ASP A 351 13.00 3.15 -6.96
CA ASP A 351 13.18 4.37 -7.76
C ASP A 351 13.05 5.60 -6.88
N GLU A 352 12.01 5.67 -6.06
CA GLU A 352 11.82 6.83 -5.20
C GLU A 352 12.99 6.99 -4.22
N VAL A 353 13.45 5.89 -3.64
CA VAL A 353 14.53 5.97 -2.66
C VAL A 353 15.82 6.46 -3.31
N ARG A 354 16.16 5.92 -4.48
CA ARG A 354 17.37 6.37 -5.17
C ARG A 354 17.24 7.83 -5.55
N SER A 355 16.08 8.22 -6.08
CA SER A 355 15.83 9.63 -6.38
C SER A 355 16.00 10.49 -5.14
N TRP A 356 15.79 9.93 -3.95
CA TRP A 356 16.05 10.67 -2.72
C TRP A 356 17.55 10.74 -2.41
N ILE A 357 18.25 9.61 -2.54
CA ILE A 357 19.65 9.56 -2.16
C ILE A 357 20.49 10.46 -3.06
N LEU A 358 20.17 10.49 -4.35
CA LEU A 358 20.94 11.34 -5.27
C LEU A 358 20.80 12.82 -4.96
N GLN A 359 19.99 13.21 -3.98
CA GLN A 359 19.89 14.59 -3.54
C GLN A 359 20.54 14.82 -2.18
N GLU A 360 21.20 13.80 -1.63
CA GLU A 360 21.96 13.92 -0.38
C GLU A 360 22.50 12.56 0.04
N GLY B 11 14.34 26.44 -11.69
CA GLY B 11 13.11 27.20 -11.84
C GLY B 11 11.87 26.32 -11.76
N PRO B 12 11.37 26.08 -10.54
CA PRO B 12 10.14 25.29 -10.41
C PRO B 12 8.96 26.01 -11.04
N LEU B 13 8.20 25.28 -11.84
CA LEU B 13 7.16 25.87 -12.68
C LEU B 13 5.79 25.71 -12.03
N VAL B 14 4.99 26.76 -12.12
CA VAL B 14 3.68 26.84 -11.49
C VAL B 14 2.65 27.19 -12.57
N LEU B 15 1.66 26.32 -12.74
CA LEU B 15 0.63 26.49 -13.75
C LEU B 15 -0.75 26.40 -13.11
N VAL B 16 -1.68 27.19 -13.65
CA VAL B 16 -3.05 27.23 -13.17
C VAL B 16 -3.99 27.14 -14.38
N SER B 17 -5.12 26.47 -14.19
CA SER B 17 -6.17 26.43 -15.20
C SER B 17 -7.45 26.99 -14.59
N ASN B 18 -7.98 28.05 -15.19
CA ASN B 18 -9.22 28.66 -14.73
C ASN B 18 -10.46 28.00 -15.31
N ASN B 19 -10.31 27.11 -16.28
CA ASN B 19 -11.46 26.42 -16.84
C ASN B 19 -11.97 25.37 -15.87
N GLN B 20 -13.28 25.14 -15.89
CA GLN B 20 -13.95 24.28 -14.92
C GLN B 20 -14.61 23.08 -15.59
N ASN B 21 -14.06 22.64 -16.72
CA ASN B 21 -14.54 21.44 -17.40
C ASN B 21 -13.54 20.32 -17.16
N ILE B 22 -14.03 19.17 -16.71
CA ILE B 22 -13.15 18.06 -16.35
C ILE B 22 -12.36 17.60 -17.56
N HIS B 23 -13.01 17.48 -18.71
CA HIS B 23 -12.33 16.99 -19.91
C HIS B 23 -11.22 17.95 -20.33
N PHE B 24 -11.51 19.26 -20.31
CA PHE B 24 -10.52 20.24 -20.73
C PHE B 24 -9.30 20.21 -19.82
N ASN B 25 -9.52 20.22 -18.50
CA ASN B 25 -8.40 20.21 -17.57
C ASN B 25 -7.61 18.90 -17.64
N LEU B 26 -8.29 17.79 -17.89
CA LEU B 26 -7.58 16.53 -18.09
C LEU B 26 -6.75 16.58 -19.37
N SER B 27 -7.25 17.26 -20.41
CA SER B 27 -6.47 17.41 -21.63
C SER B 27 -5.23 18.26 -21.38
N LEU B 28 -5.39 19.39 -20.69
CA LEU B 28 -4.24 20.20 -20.30
C LEU B 28 -3.23 19.35 -19.53
N GLU B 29 -3.69 18.61 -18.53
CA GLU B 29 -2.80 17.77 -17.73
C GLU B 29 -2.04 16.79 -18.60
N ASN B 30 -2.74 16.08 -19.48
CA ASN B 30 -2.07 15.10 -20.33
C ASN B 30 -1.06 15.78 -21.25
N PHE B 31 -1.39 16.96 -21.76
CA PHE B 31 -0.43 17.71 -22.57
C PHE B 31 0.81 18.04 -21.76
N LEU B 32 0.64 18.50 -20.52
CA LEU B 32 1.79 18.77 -19.66
C LEU B 32 2.62 17.52 -19.46
N LEU B 33 1.96 16.36 -19.34
CA LEU B 33 2.69 15.11 -19.14
C LEU B 33 3.52 14.75 -20.35
N ASN B 34 2.91 14.75 -21.54
CA ASN B 34 3.58 14.25 -22.74
C ASN B 34 4.63 15.20 -23.26
N ASN B 35 4.42 16.51 -23.13
CA ASN B 35 5.38 17.53 -23.59
C ASN B 35 6.09 18.17 -22.40
N TYR B 36 6.44 17.36 -21.41
CA TYR B 36 7.04 17.87 -20.17
C TYR B 36 8.38 18.55 -20.45
N ASN B 37 9.22 17.94 -21.29
CA ASN B 37 10.54 18.50 -21.55
C ASN B 37 10.48 19.73 -22.45
N ASP B 38 9.40 19.92 -23.20
CA ASP B 38 9.28 21.00 -24.18
C ASP B 38 8.24 22.04 -23.80
N LEU B 39 7.88 22.14 -22.52
CA LEU B 39 6.83 23.08 -22.14
C LEU B 39 7.27 24.53 -22.27
N LEU B 40 8.57 24.80 -22.11
CA LEU B 40 9.02 26.18 -22.04
C LEU B 40 8.87 26.94 -23.35
N LYS B 41 8.66 26.23 -24.47
CA LYS B 41 8.38 26.92 -25.72
C LYS B 41 6.89 27.15 -25.94
N TYR B 42 6.03 26.24 -25.48
CA TYR B 42 4.60 26.51 -25.49
C TYR B 42 4.26 27.66 -24.56
N LEU B 43 5.00 27.80 -23.46
CA LEU B 43 5.06 29.06 -22.75
C LEU B 43 6.09 29.97 -23.41
N ASN B 44 6.04 31.26 -23.08
CA ASN B 44 6.93 32.23 -23.71
C ASN B 44 8.26 32.29 -22.93
N ILE B 45 9.05 31.23 -23.11
CA ILE B 45 10.34 31.10 -22.44
C ILE B 45 11.34 30.58 -23.46
N ASN B 46 12.60 30.99 -23.30
CA ASN B 46 13.60 30.91 -24.35
C ASN B 46 14.63 29.79 -24.18
N THR B 47 14.79 29.25 -22.97
CA THR B 47 15.91 28.36 -22.66
C THR B 47 16.10 27.26 -23.72
N ILE B 48 17.31 26.71 -23.78
CA ILE B 48 17.65 25.67 -24.73
C ILE B 48 17.51 24.28 -24.13
N GLU B 49 17.86 24.12 -22.86
CA GLU B 49 17.89 22.81 -22.25
C GLU B 49 16.49 22.22 -22.13
N LYS B 50 16.44 20.89 -22.07
CA LYS B 50 15.19 20.21 -21.76
C LYS B 50 14.72 20.60 -20.36
N PHE B 51 13.44 20.93 -20.24
CA PHE B 51 12.86 21.22 -18.95
C PHE B 51 12.74 19.93 -18.15
N ASN B 52 13.35 19.91 -16.96
CA ASN B 52 13.35 18.72 -16.11
C ASN B 52 13.19 19.12 -14.65
N GLU B 53 12.37 20.14 -14.40
CA GLU B 53 12.17 20.68 -13.06
C GLU B 53 10.75 20.42 -12.58
N PRO B 54 10.50 20.53 -11.28
CA PRO B 54 9.15 20.26 -10.76
C PRO B 54 8.12 21.20 -11.36
N ILE B 55 6.91 20.67 -11.57
CA ILE B 55 5.75 21.45 -12.01
C ILE B 55 4.61 21.19 -11.04
N LEU B 56 3.94 22.27 -10.63
CA LEU B 56 2.71 22.19 -9.86
C LEU B 56 1.60 22.83 -10.68
N PHE B 57 0.54 22.06 -10.95
CA PHE B 57 -0.59 22.52 -11.75
C PHE B 57 -1.86 22.43 -10.94
N LEU B 58 -2.61 23.54 -10.87
CA LEU B 58 -3.81 23.63 -10.06
C LEU B 58 -5.03 23.88 -10.95
N TRP B 59 -6.14 23.22 -10.61
CA TRP B 59 -7.33 23.29 -11.46
C TRP B 59 -8.56 22.84 -10.68
N ARG B 60 -9.70 23.45 -11.00
CA ARG B 60 -11.00 23.07 -10.48
C ARG B 60 -11.82 22.39 -11.56
N ASN B 61 -12.94 21.80 -11.14
CA ASN B 61 -13.90 21.22 -12.08
C ASN B 61 -15.29 21.34 -11.49
N ASN B 62 -16.28 21.51 -12.37
CA ASN B 62 -17.67 21.57 -11.95
C ASN B 62 -18.15 20.16 -11.63
N ARG B 63 -19.45 20.01 -11.35
CA ARG B 63 -20.02 18.73 -10.96
C ARG B 63 -19.66 17.65 -11.98
N SER B 64 -18.84 16.68 -11.56
CA SER B 64 -18.39 15.63 -12.47
C SER B 64 -17.98 14.41 -11.66
N ILE B 65 -18.00 13.26 -12.32
CA ILE B 65 -17.56 11.99 -11.74
C ILE B 65 -16.42 11.47 -12.60
N ILE B 66 -15.28 11.20 -11.98
CA ILE B 66 -14.08 10.78 -12.67
C ILE B 66 -13.73 9.38 -12.19
N ILE B 67 -13.75 8.41 -13.11
CA ILE B 67 -13.50 7.02 -12.80
C ILE B 67 -12.09 6.66 -13.24
N GLY B 68 -11.49 5.71 -12.54
CA GLY B 68 -10.15 5.27 -12.88
C GLY B 68 -10.08 4.68 -14.27
N LYS B 69 -8.85 4.64 -14.80
CA LYS B 69 -8.61 4.15 -16.15
C LYS B 69 -9.25 2.78 -16.36
N ASN B 70 -9.00 1.84 -15.45
CA ASN B 70 -9.40 0.46 -15.62
C ASN B 70 -10.70 0.11 -14.88
N GLN B 71 -11.51 1.12 -14.55
CA GLN B 71 -12.77 0.85 -13.88
C GLN B 71 -13.87 0.55 -14.88
N ASN B 72 -14.82 -0.28 -14.45
CA ASN B 72 -16.01 -0.61 -15.24
C ASN B 72 -17.16 0.24 -14.72
N ILE B 73 -17.57 1.23 -15.51
CA ILE B 73 -18.56 2.19 -15.03
C ILE B 73 -19.90 1.52 -14.75
N TRP B 74 -20.24 0.48 -15.51
CA TRP B 74 -21.50 -0.22 -15.29
C TRP B 74 -21.54 -0.90 -13.94
N SER B 75 -20.38 -1.20 -13.34
CA SER B 75 -20.30 -1.84 -12.05
C SER B 75 -20.02 -0.87 -10.91
N GLU B 76 -19.82 0.41 -11.21
CA GLU B 76 -19.34 1.37 -10.23
C GLU B 76 -20.17 2.64 -10.11
N CYS B 77 -21.08 2.92 -11.03
CA CYS B 77 -21.79 4.19 -11.04
C CYS B 77 -23.28 3.98 -11.22
N ASN B 78 -24.06 4.92 -10.69
CA ASN B 78 -25.51 4.93 -10.83
C ASN B 78 -25.85 5.88 -11.98
N LEU B 79 -25.75 5.35 -13.20
CA LEU B 79 -25.88 6.18 -14.39
C LEU B 79 -27.21 6.92 -14.44
N LYS B 80 -28.27 6.31 -13.92
CA LYS B 80 -29.58 6.99 -13.89
C LYS B 80 -29.47 8.32 -13.16
N ASN B 81 -28.88 8.31 -11.96
CA ASN B 81 -28.75 9.54 -11.20
C ASN B 81 -27.79 10.51 -11.86
N ILE B 82 -26.77 10.00 -12.55
CA ILE B 82 -25.83 10.90 -13.22
C ILE B 82 -26.53 11.63 -14.35
N LYS B 83 -27.33 10.93 -15.15
CA LYS B 83 -28.11 11.58 -16.20
C LYS B 83 -29.11 12.57 -15.60
N GLU B 84 -29.87 12.11 -14.60
CA GLU B 84 -30.91 12.96 -14.02
C GLU B 84 -30.33 14.24 -13.43
N ASP B 85 -29.15 14.16 -12.82
CA ASP B 85 -28.54 15.30 -12.17
C ASP B 85 -27.60 16.08 -13.09
N GLY B 86 -27.55 15.74 -14.38
CA GLY B 86 -26.70 16.45 -15.31
C GLY B 86 -25.27 16.57 -14.84
N VAL B 87 -24.60 15.44 -14.67
CA VAL B 87 -23.22 15.39 -14.17
C VAL B 87 -22.33 14.88 -15.29
N LEU B 88 -21.23 15.58 -15.53
CA LEU B 88 -20.24 15.14 -16.51
C LEU B 88 -19.55 13.88 -16.01
N VAL B 89 -19.19 13.01 -16.96
CA VAL B 89 -18.51 11.76 -16.67
C VAL B 89 -17.18 11.76 -17.41
N ALA B 90 -16.11 11.38 -16.71
CA ALA B 90 -14.78 11.38 -17.29
C ALA B 90 -14.02 10.14 -16.84
N ARG B 91 -13.25 9.56 -17.75
CA ARG B 91 -12.35 8.46 -17.45
C ARG B 91 -10.92 8.98 -17.58
N ARG B 92 -10.22 9.08 -16.45
CA ARG B 92 -8.86 9.60 -16.43
C ARG B 92 -7.88 8.50 -16.85
N PHE B 93 -6.63 8.89 -17.00
CA PHE B 93 -5.57 7.97 -17.41
C PHE B 93 -4.88 7.30 -16.23
N THR B 94 -5.11 7.78 -15.01
CA THR B 94 -4.50 7.20 -13.83
C THR B 94 -5.36 6.07 -13.27
N GLY B 95 -4.80 5.35 -12.30
CA GLY B 95 -5.52 4.29 -11.62
C GLY B 95 -6.48 4.84 -10.59
N GLY B 96 -6.78 4.00 -9.60
CA GLY B 96 -7.68 4.39 -8.54
C GLY B 96 -9.14 4.21 -8.95
N GLY B 97 -10.01 4.80 -8.13
CA GLY B 97 -11.44 4.62 -8.32
C GLY B 97 -12.22 5.90 -8.59
N ALA B 98 -13.54 5.79 -8.56
CA ALA B 98 -14.40 6.94 -8.87
C ALA B 98 -14.31 8.00 -7.79
N VAL B 99 -14.39 9.26 -8.22
CA VAL B 99 -14.45 10.40 -7.32
C VAL B 99 -15.40 11.44 -7.90
N TYR B 100 -15.93 12.28 -7.02
CA TYR B 100 -16.85 13.34 -7.41
C TYR B 100 -16.19 14.70 -7.19
N HIS B 101 -16.23 15.54 -8.22
CA HIS B 101 -15.63 16.86 -8.18
C HIS B 101 -16.70 17.93 -8.36
N ASP B 102 -16.53 19.05 -7.66
CA ASP B 102 -17.22 20.29 -7.95
C ASP B 102 -16.30 21.43 -7.52
N LEU B 103 -16.82 22.66 -7.55
CA LEU B 103 -15.99 23.80 -7.17
C LEU B 103 -15.60 23.80 -5.69
N GLY B 104 -16.08 22.83 -4.91
CA GLY B 104 -15.72 22.72 -3.50
C GLY B 104 -14.43 22.01 -3.21
N ASN B 105 -13.76 21.45 -4.23
CA ASN B 105 -12.48 20.79 -4.06
C ASN B 105 -11.50 21.33 -5.08
N VAL B 106 -10.21 21.25 -4.73
CA VAL B 106 -9.13 21.65 -5.63
C VAL B 106 -8.47 20.40 -6.17
N CYS B 107 -7.92 20.52 -7.38
CA CYS B 107 -7.19 19.44 -8.01
C CYS B 107 -5.75 19.90 -8.26
N PHE B 108 -4.79 19.07 -7.83
CA PHE B 108 -3.38 19.36 -7.99
C PHE B 108 -2.74 18.29 -8.85
N THR B 109 -1.66 18.68 -9.53
CA THR B 109 -0.88 17.76 -10.36
C THR B 109 0.60 18.11 -10.16
N PHE B 110 1.36 17.14 -9.68
CA PHE B 110 2.80 17.27 -9.53
C PHE B 110 3.46 16.51 -10.66
N LEU B 111 4.30 17.18 -11.44
CA LEU B 111 5.06 16.55 -12.52
C LEU B 111 6.54 16.71 -12.23
N ASN B 112 7.24 15.58 -12.06
CA ASN B 112 8.66 15.61 -11.72
C ASN B 112 9.42 14.65 -12.60
N ASN B 113 10.74 14.80 -12.62
CA ASN B 113 11.58 13.92 -13.42
C ASN B 113 11.44 12.47 -12.96
N ASN B 114 11.44 12.25 -11.65
CA ASN B 114 11.38 10.91 -11.07
C ASN B 114 10.20 10.84 -10.11
N ILE B 115 10.02 9.67 -9.50
CA ILE B 115 8.95 9.50 -8.52
C ILE B 115 9.21 10.42 -7.34
N ASN B 116 8.19 11.20 -6.97
CA ASN B 116 8.34 12.23 -5.94
C ASN B 116 7.09 12.28 -5.05
N THR B 117 6.45 11.13 -4.84
CA THR B 117 5.18 11.09 -4.13
C THR B 117 5.32 11.62 -2.70
N SER B 118 6.23 11.02 -1.93
CA SER B 118 6.35 11.38 -0.51
C SER B 118 6.70 12.85 -0.35
N SER B 119 7.54 13.40 -1.25
CA SER B 119 7.89 14.81 -1.16
C SER B 119 6.69 15.70 -1.46
N ASN B 120 5.90 15.35 -2.48
CA ASN B 120 4.68 16.10 -2.75
C ASN B 120 3.77 16.11 -1.54
N PHE B 121 3.50 14.93 -0.98
CA PHE B 121 2.69 14.85 0.23
C PHE B 121 3.27 15.73 1.34
N LEU B 122 4.60 15.73 1.47
CA LEU B 122 5.23 16.58 2.48
C LEU B 122 4.95 18.05 2.21
N ILE B 123 4.91 18.43 0.93
CA ILE B 123 4.57 19.82 0.59
C ILE B 123 3.16 20.14 1.04
N ILE B 124 2.22 19.24 0.75
CA ILE B 124 0.83 19.46 1.18
C ILE B 124 0.76 19.60 2.70
N LEU B 125 1.36 18.65 3.43
CA LEU B 125 1.32 18.70 4.89
C LEU B 125 1.90 20.01 5.40
N ASN B 126 3.10 20.37 4.93
CA ASN B 126 3.70 21.65 5.32
C ASN B 126 2.76 22.81 5.06
N THR B 127 2.01 22.75 3.95
CA THR B 127 1.04 23.80 3.66
C THR B 127 -0.03 23.85 4.74
N LEU B 128 -0.67 22.71 5.01
CA LEU B 128 -1.79 22.69 5.95
C LEU B 128 -1.36 23.14 7.34
N LYS B 129 -0.22 22.63 7.83
CA LYS B 129 0.21 22.97 9.18
C LYS B 129 0.72 24.41 9.24
N ASN B 130 1.63 24.78 8.35
CA ASN B 130 2.26 26.09 8.43
C ASN B 130 1.25 27.20 8.20
N HIS B 131 0.32 27.02 7.27
CA HIS B 131 -0.57 28.10 6.85
C HIS B 131 -1.97 27.99 7.43
N PHE B 132 -2.37 26.82 7.93
CA PHE B 132 -3.72 26.64 8.45
C PHE B 132 -3.78 25.91 9.78
N ASN B 133 -2.64 25.55 10.37
CA ASN B 133 -2.60 24.90 11.69
C ASN B 133 -3.37 23.57 11.68
N ILE B 134 -3.47 22.94 10.51
CA ILE B 134 -4.13 21.65 10.36
C ILE B 134 -3.07 20.56 10.39
N GLU B 135 -3.15 19.69 11.39
CA GLU B 135 -2.25 18.56 11.51
C GLU B 135 -2.83 17.40 10.71
N ALA B 136 -2.11 16.96 9.68
CA ALA B 136 -2.58 15.92 8.78
C ALA B 136 -1.51 14.83 8.68
N LYS B 137 -1.85 13.77 7.97
CA LYS B 137 -0.96 12.63 7.81
C LYS B 137 -1.38 11.82 6.60
N THR B 138 -0.42 11.07 6.04
CA THR B 138 -0.69 10.19 4.92
C THR B 138 -1.15 8.83 5.45
N GLN B 139 -2.08 8.22 4.71
CA GLN B 139 -2.65 6.93 5.12
C GLN B 139 -1.88 5.79 4.45
N GLY B 140 -2.05 5.64 3.14
CA GLY B 140 -1.33 4.64 2.38
C GLY B 140 -0.44 5.27 1.32
N ARG B 141 -0.57 4.81 0.09
CA ARG B 141 0.17 5.42 -1.02
C ARG B 141 -0.53 6.66 -1.57
N ASN B 142 -1.82 6.87 -1.24
CA ASN B 142 -2.62 7.79 -2.03
C ASN B 142 -3.67 8.58 -1.25
N ASP B 143 -3.60 8.64 0.08
CA ASP B 143 -4.65 9.31 0.85
C ASP B 143 -4.04 10.19 1.93
N ILE B 144 -4.69 11.32 2.19
CA ILE B 144 -4.37 12.20 3.29
C ILE B 144 -5.60 12.35 4.17
N THR B 145 -5.40 12.15 5.48
CA THR B 145 -6.44 12.25 6.49
C THR B 145 -6.08 13.35 7.48
N VAL B 146 -7.09 13.81 8.23
CA VAL B 146 -6.91 14.83 9.25
C VAL B 146 -7.19 14.29 10.65
N ASN B 147 -8.24 13.48 10.80
CA ASN B 147 -8.55 12.80 12.04
C ASN B 147 -8.98 11.38 11.67
N ASP B 148 -8.09 10.67 10.97
CA ASP B 148 -8.43 9.40 10.36
C ASP B 148 -9.61 9.54 9.40
N GLN B 149 -9.87 10.78 8.95
CA GLN B 149 -10.92 11.07 7.99
C GLN B 149 -10.26 11.59 6.71
N LYS B 150 -10.47 10.86 5.61
CA LYS B 150 -9.84 11.20 4.36
C LYS B 150 -10.24 12.59 3.89
N CYS B 151 -9.23 13.45 3.69
CA CYS B 151 -9.45 14.74 3.07
C CYS B 151 -8.83 14.86 1.69
N SER B 152 -7.98 13.90 1.28
CA SER B 152 -7.44 13.94 -0.07
C SER B 152 -7.17 12.54 -0.57
N GLY B 153 -7.38 12.33 -1.86
CA GLY B 153 -7.01 11.11 -2.52
C GLY B 153 -6.24 11.40 -3.79
N SER B 154 -5.30 10.52 -4.11
CA SER B 154 -4.34 10.77 -5.18
C SER B 154 -4.28 9.58 -6.12
N ALA B 155 -3.62 9.81 -7.27
CA ALA B 155 -3.39 8.79 -8.28
C ALA B 155 -2.18 9.20 -9.09
N PHE B 156 -1.51 8.19 -9.66
CA PHE B 156 -0.18 8.38 -10.24
C PHE B 156 -0.10 7.74 -11.63
N LYS B 157 0.91 8.17 -12.38
CA LYS B 157 1.23 7.57 -13.67
C LYS B 157 2.67 7.92 -14.00
N LYS B 158 3.37 7.02 -14.68
CA LYS B 158 4.77 7.22 -14.98
C LYS B 158 5.06 6.80 -16.42
N ILE B 159 5.89 7.61 -17.09
CA ILE B 159 6.38 7.28 -18.43
C ILE B 159 7.90 7.45 -18.42
N LYS B 160 8.51 7.46 -19.61
CA LYS B 160 9.97 7.34 -19.70
C LYS B 160 10.68 8.38 -18.82
N ASP B 161 10.34 9.66 -19.00
CA ASP B 161 11.10 10.75 -18.37
C ASP B 161 10.24 11.61 -17.45
N VAL B 162 9.02 11.20 -17.11
CA VAL B 162 8.13 12.03 -16.32
C VAL B 162 7.34 11.15 -15.35
N PHE B 163 7.08 11.72 -14.17
CA PHE B 163 6.19 11.12 -13.18
C PHE B 163 5.11 12.12 -12.83
N LEU B 164 3.86 11.66 -12.86
CA LEU B 164 2.68 12.48 -12.62
C LEU B 164 1.96 11.96 -11.38
N HIS B 165 1.62 12.89 -10.48
CA HIS B 165 0.92 12.57 -9.24
C HIS B 165 -0.17 13.63 -9.09
N HIS B 166 -1.40 13.29 -9.48
CA HIS B 166 -2.51 14.23 -9.38
C HIS B 166 -3.51 13.74 -8.34
N GLY B 167 -4.07 14.67 -7.58
CA GLY B 167 -4.98 14.33 -6.51
C GLY B 167 -5.94 15.47 -6.23
N THR B 168 -6.87 15.21 -5.31
CA THR B 168 -7.91 16.17 -4.96
C THR B 168 -7.74 16.58 -3.50
N ILE B 169 -8.33 17.74 -3.17
CA ILE B 169 -8.30 18.29 -1.83
C ILE B 169 -9.69 18.87 -1.54
N LEU B 170 -10.34 18.34 -0.52
CA LEU B 170 -11.71 18.72 -0.18
C LEU B 170 -11.69 19.97 0.70
N ILE B 171 -12.37 21.02 0.24
CA ILE B 171 -12.54 22.25 1.02
C ILE B 171 -13.98 22.40 1.48
N ASN B 172 -14.92 22.49 0.54
CA ASN B 172 -16.33 22.68 0.85
C ASN B 172 -17.18 21.79 -0.04
N LEU B 173 -16.80 20.51 -0.11
CA LEU B 173 -17.51 19.55 -0.94
C LEU B 173 -18.79 19.10 -0.23
N GLU B 174 -19.84 18.87 -1.02
CA GLU B 174 -21.11 18.44 -0.46
C GLU B 174 -20.94 17.10 0.25
N LYS B 175 -21.59 16.99 1.42
CA LYS B 175 -21.45 15.80 2.24
C LYS B 175 -22.09 14.59 1.57
N ASN B 176 -21.32 13.51 1.45
CA ASN B 176 -21.82 12.24 0.93
C ASN B 176 -22.66 12.43 -0.33
N ILE B 177 -22.19 13.29 -1.23
CA ILE B 177 -22.85 13.46 -2.51
C ILE B 177 -22.44 12.37 -3.49
N LEU B 178 -21.22 11.83 -3.34
CA LEU B 178 -20.74 10.81 -4.26
C LEU B 178 -21.58 9.55 -4.19
N ASN B 179 -22.19 9.26 -3.03
CA ASN B 179 -22.98 8.05 -2.88
C ASN B 179 -24.23 8.06 -3.74
N LYS B 180 -24.74 9.25 -4.09
CA LYS B 180 -25.83 9.34 -5.06
C LYS B 180 -25.45 8.70 -6.38
N TYR B 181 -24.15 8.68 -6.71
CA TYR B 181 -23.69 8.41 -8.07
C TYR B 181 -22.88 7.12 -8.19
N LEU B 182 -22.78 6.32 -7.13
CA LEU B 182 -22.06 5.07 -7.19
C LEU B 182 -23.04 3.90 -7.31
N THR B 183 -22.52 2.80 -7.86
CA THR B 183 -23.37 1.72 -8.32
C THR B 183 -24.33 1.27 -7.23
N PRO B 184 -25.64 1.20 -7.51
CA PRO B 184 -26.58 0.62 -6.55
C PRO B 184 -26.71 -0.88 -6.74
N ASP B 185 -26.43 -1.35 -7.96
CA ASP B 185 -26.61 -2.74 -8.32
C ASP B 185 -25.48 -3.59 -7.79
N LYS B 186 -25.82 -4.68 -7.11
CA LYS B 186 -24.87 -5.73 -6.76
C LYS B 186 -25.09 -6.88 -7.73
N ILE B 187 -24.03 -7.27 -8.44
CA ILE B 187 -24.13 -8.23 -9.53
C ILE B 187 -23.29 -9.46 -9.18
N LYS B 188 -23.85 -10.63 -9.44
CA LYS B 188 -23.18 -11.90 -9.26
C LYS B 188 -23.32 -12.72 -10.53
N TYR B 189 -22.32 -13.57 -10.80
CA TYR B 189 -22.30 -14.40 -11.99
C TYR B 189 -22.37 -15.87 -11.60
N ILE B 190 -23.33 -16.59 -12.17
CA ILE B 190 -23.51 -18.00 -11.87
C ILE B 190 -22.80 -18.84 -12.93
N ALA B 199 -15.20 4.49 4.30
CA ALA B 199 -14.77 5.56 3.40
C ALA B 199 -15.39 6.90 3.82
N ARG B 200 -14.97 7.41 4.97
CA ARG B 200 -15.48 8.66 5.51
C ARG B 200 -14.55 9.80 5.13
N THR B 201 -15.11 10.84 4.53
CA THR B 201 -14.35 12.01 4.10
C THR B 201 -14.70 13.21 4.99
N ILE B 202 -13.82 14.22 4.94
CA ILE B 202 -13.98 15.42 5.74
C ILE B 202 -13.59 16.63 4.90
N ASN B 203 -14.20 17.77 5.20
CA ASN B 203 -13.88 19.03 4.54
C ASN B 203 -12.92 19.83 5.41
N LEU B 204 -11.81 20.28 4.81
CA LEU B 204 -10.89 21.14 5.52
C LEU B 204 -11.57 22.42 6.01
N SER B 205 -12.64 22.85 5.34
CA SER B 205 -13.36 24.04 5.79
C SER B 205 -13.84 23.89 7.23
N GLU B 206 -14.12 22.66 7.66
CA GLU B 206 -14.62 22.45 9.02
C GLU B 206 -13.49 22.56 10.04
N ILE B 207 -12.31 22.06 9.71
CA ILE B 207 -11.17 22.14 10.63
C ILE B 207 -10.77 23.60 10.83
N ASN B 208 -10.69 24.36 9.75
CA ASN B 208 -10.34 25.78 9.79
C ASN B 208 -11.39 26.54 8.99
N ASN B 209 -12.25 27.29 9.67
CA ASN B 209 -13.33 28.02 9.01
C ASN B 209 -12.85 29.01 7.97
N ASN B 210 -11.55 29.31 7.92
CA ASN B 210 -11.03 30.35 7.05
C ASN B 210 -10.51 29.84 5.72
N ILE B 211 -10.38 28.52 5.55
CA ILE B 211 -9.80 27.99 4.30
C ILE B 211 -10.74 28.27 3.15
N THR B 212 -10.14 28.66 2.02
CA THR B 212 -10.85 28.80 0.75
C THR B 212 -9.97 28.18 -0.33
N CYS B 213 -10.57 27.94 -1.50
CA CYS B 213 -9.80 27.40 -2.61
C CYS B 213 -8.63 28.31 -2.95
N GLU B 214 -8.86 29.62 -2.98
CA GLU B 214 -7.79 30.56 -3.29
C GLU B 214 -6.71 30.52 -2.21
N ASN B 215 -7.09 30.70 -0.94
CA ASN B 215 -6.13 30.64 0.15
C ASN B 215 -5.26 29.39 0.05
N LEU B 216 -5.89 28.22 -0.02
CA LEU B 216 -5.14 26.97 -0.14
C LEU B 216 -4.20 27.02 -1.33
N CYS B 217 -4.71 27.45 -2.49
CA CYS B 217 -3.85 27.54 -3.66
C CYS B 217 -2.59 28.34 -3.35
N ILE B 218 -2.76 29.59 -2.90
CA ILE B 218 -1.62 30.45 -2.59
C ILE B 218 -0.63 29.73 -1.68
N ALA B 219 -1.13 29.24 -0.53
CA ALA B 219 -0.25 28.59 0.43
C ALA B 219 0.52 27.44 -0.21
N LEU B 220 -0.19 26.58 -0.94
CA LEU B 220 0.44 25.44 -1.59
C LEU B 220 1.50 25.88 -2.60
N ILE B 221 1.28 27.01 -3.28
CA ILE B 221 2.30 27.56 -4.16
C ILE B 221 3.54 27.95 -3.35
N LYS B 222 3.33 28.68 -2.26
CA LYS B 222 4.44 29.14 -1.44
C LYS B 222 5.27 27.97 -0.94
N GLU B 223 4.63 26.96 -0.35
CA GLU B 223 5.37 25.80 0.13
C GLU B 223 5.99 25.00 -1.00
N PHE B 224 5.34 24.95 -2.16
CA PHE B 224 5.91 24.27 -3.31
C PHE B 224 7.22 24.91 -3.73
N THR B 225 7.25 26.25 -3.81
CA THR B 225 8.50 26.92 -4.15
C THR B 225 9.53 26.79 -3.05
N LYS B 226 9.10 26.91 -1.78
CA LYS B 226 10.03 26.78 -0.67
C LYS B 226 10.73 25.42 -0.68
N PHE B 227 9.99 24.35 -0.98
CA PHE B 227 10.57 23.02 -0.90
C PHE B 227 11.79 22.89 -1.81
N TYR B 228 11.74 23.52 -2.99
CA TYR B 228 12.85 23.48 -3.94
C TYR B 228 13.65 24.77 -3.95
N GLU B 229 13.59 25.56 -2.88
CA GLU B 229 14.29 26.86 -2.88
C GLU B 229 15.78 26.69 -3.14
N GLN B 230 16.42 25.75 -2.44
CA GLN B 230 17.84 25.48 -2.66
C GLN B 230 18.03 24.88 -4.04
N ASN B 231 17.79 25.68 -5.07
CA ASN B 231 17.87 25.20 -6.45
C ASN B 231 19.29 24.82 -6.82
N PRO B 238 13.45 35.77 -5.04
CA PRO B 238 12.52 36.87 -5.29
C PRO B 238 11.32 36.88 -4.35
N ASN B 239 10.86 38.07 -3.97
CA ASN B 239 9.71 38.18 -3.08
C ASN B 239 8.41 37.73 -3.74
N ASP B 240 8.40 37.48 -5.05
CA ASP B 240 7.19 37.09 -5.76
C ASP B 240 7.42 35.78 -6.47
N ILE B 241 6.31 35.07 -6.73
CA ILE B 241 6.33 33.78 -7.41
C ILE B 241 5.55 33.92 -8.71
N THR B 242 6.14 33.44 -9.80
CA THR B 242 5.46 33.48 -11.08
C THR B 242 4.38 32.40 -11.15
N VAL B 243 3.26 32.73 -11.80
CA VAL B 243 2.13 31.81 -11.94
C VAL B 243 1.60 31.97 -13.37
N HIS B 244 1.78 30.93 -14.18
CA HIS B 244 1.30 30.94 -15.56
C HIS B 244 -0.11 30.35 -15.64
N TYR B 245 -0.95 30.97 -16.45
CA TYR B 245 -2.33 30.52 -16.66
C TYR B 245 -2.43 29.92 -18.06
N ILE B 246 -2.36 28.59 -18.13
CA ILE B 246 -2.50 27.87 -19.39
C ILE B 246 -3.94 27.77 -19.83
N ASP B 247 -4.86 28.42 -19.11
CA ASP B 247 -6.27 28.33 -19.42
C ASP B 247 -6.54 28.74 -20.86
N GLN B 248 -6.14 29.96 -21.22
CA GLN B 248 -6.39 30.52 -22.54
C GLN B 248 -5.14 30.49 -23.43
N ASN B 249 -4.07 29.83 -22.98
CA ASN B 249 -2.86 29.73 -23.79
C ASN B 249 -3.15 28.91 -25.04
N ASN B 250 -3.20 29.57 -26.20
CA ASN B 250 -3.56 28.90 -27.44
C ASN B 250 -2.42 28.11 -28.06
N ASN B 251 -1.18 28.28 -27.57
CA ASN B 251 -0.10 27.38 -27.99
C ASN B 251 -0.38 25.95 -27.54
N ILE B 252 -1.26 25.78 -26.55
CA ILE B 252 -1.70 24.46 -26.10
C ILE B 252 -3.11 24.13 -26.59
N THR B 253 -4.08 24.99 -26.32
CA THR B 253 -5.48 24.67 -26.60
C THR B 253 -5.76 24.50 -28.08
N LYS B 254 -4.90 25.04 -28.95
CA LYS B 254 -5.01 24.84 -30.40
C LYS B 254 -4.09 23.75 -30.91
N ASN B 255 -3.22 23.19 -30.06
CA ASN B 255 -2.23 22.24 -30.54
C ASN B 255 -2.90 20.91 -30.89
N PRO B 256 -2.64 20.34 -32.08
CA PRO B 256 -3.31 19.10 -32.48
C PRO B 256 -3.37 18.03 -31.39
N GLU B 257 -2.25 17.80 -30.69
CA GLU B 257 -2.24 16.80 -29.62
C GLU B 257 -3.31 17.10 -28.59
N PHE B 258 -3.35 18.36 -28.10
CA PHE B 258 -4.36 18.74 -27.12
C PHE B 258 -5.76 18.43 -27.62
N LEU B 259 -6.03 18.73 -28.89
CA LEU B 259 -7.36 18.48 -29.44
C LEU B 259 -7.66 16.99 -29.54
N LYS B 260 -6.65 16.17 -29.84
CA LYS B 260 -6.85 14.72 -29.83
C LYS B 260 -7.21 14.23 -28.43
N TYR B 261 -6.45 14.67 -27.42
CA TYR B 261 -6.74 14.29 -26.05
C TYR B 261 -8.14 14.74 -25.64
N TYR B 262 -8.55 15.93 -26.08
CA TYR B 262 -9.86 16.45 -25.71
C TYR B 262 -10.97 15.65 -26.37
N ASN B 263 -10.83 15.36 -27.67
CA ASN B 263 -11.85 14.58 -28.36
C ASN B 263 -11.96 13.17 -27.81
N LEU B 264 -10.82 12.55 -27.48
CA LEU B 264 -10.85 11.21 -26.92
C LEU B 264 -11.48 11.21 -25.53
N LEU B 265 -10.95 12.04 -24.63
CA LEU B 265 -11.46 12.08 -23.26
C LEU B 265 -12.95 12.37 -23.21
N LYS B 266 -13.47 13.09 -24.20
CA LYS B 266 -14.89 13.42 -24.26
C LYS B 266 -15.71 12.39 -25.03
N ASP B 267 -15.07 11.33 -25.53
CA ASP B 267 -15.76 10.33 -26.32
C ASP B 267 -16.54 9.38 -25.43
N TRP B 268 -17.78 9.09 -25.84
CA TRP B 268 -18.61 8.16 -25.08
C TRP B 268 -17.96 6.79 -24.97
N ASP B 269 -17.33 6.32 -26.05
CA ASP B 269 -16.72 4.99 -26.02
C ASP B 269 -15.59 4.91 -25.00
N TRP B 270 -14.86 6.02 -24.79
CA TRP B 270 -13.79 6.02 -23.81
C TRP B 270 -14.34 6.13 -22.39
N CYS B 271 -15.24 7.09 -22.15
CA CYS B 271 -15.84 7.23 -20.83
C CYS B 271 -16.70 6.03 -20.48
N TYR B 272 -17.78 5.82 -21.23
CA TYR B 272 -18.66 4.68 -21.03
C TYR B 272 -18.20 3.54 -21.94
N GLY B 273 -17.44 2.61 -21.39
CA GLY B 273 -17.04 1.45 -22.16
C GLY B 273 -18.23 0.54 -22.44
N LYS B 274 -18.32 0.07 -23.68
CA LYS B 274 -19.39 -0.83 -24.06
C LYS B 274 -19.48 -2.00 -23.08
N THR B 275 -20.70 -2.36 -22.73
CA THR B 275 -20.89 -3.41 -21.74
C THR B 275 -20.15 -4.67 -22.15
N PRO B 276 -19.43 -5.33 -21.22
CA PRO B 276 -18.65 -6.51 -21.60
C PRO B 276 -19.53 -7.75 -21.60
N LYS B 277 -19.57 -8.44 -22.74
CA LYS B 277 -20.33 -9.68 -22.91
C LYS B 277 -19.31 -10.80 -23.13
N PHE B 278 -18.94 -11.48 -22.05
CA PHE B 278 -17.94 -12.54 -22.10
C PHE B 278 -18.50 -13.80 -21.46
N GLN B 279 -17.80 -14.92 -21.66
CA GLN B 279 -18.26 -16.20 -21.15
C GLN B 279 -17.93 -16.37 -19.68
N ASN B 280 -16.67 -16.19 -19.31
CA ASN B 280 -16.20 -16.48 -17.95
C ASN B 280 -15.91 -15.18 -17.22
N HIS B 281 -16.39 -15.08 -15.98
CA HIS B 281 -16.13 -13.94 -15.12
C HIS B 281 -15.60 -14.43 -13.79
N ILE B 282 -14.56 -13.77 -13.29
CA ILE B 282 -14.07 -13.99 -11.92
C ILE B 282 -13.69 -12.64 -11.36
N TRP B 283 -13.52 -12.59 -10.04
CA TRP B 283 -13.17 -11.35 -9.37
C TRP B 283 -12.62 -11.67 -7.99
N LYS B 284 -11.63 -10.90 -7.56
CA LYS B 284 -11.10 -11.01 -6.21
C LYS B 284 -10.76 -9.63 -5.68
N GLN B 285 -10.95 -9.47 -4.36
CA GLN B 285 -10.70 -8.21 -3.68
C GLN B 285 -9.31 -8.31 -3.04
N PHE B 286 -8.31 -7.75 -3.70
CA PHE B 286 -6.98 -7.67 -3.13
C PHE B 286 -6.85 -6.42 -2.27
N THR B 287 -5.86 -6.43 -1.39
CA THR B 287 -5.64 -5.28 -0.52
C THR B 287 -5.33 -4.03 -1.34
N PHE B 288 -4.63 -4.20 -2.46
CA PHE B 288 -4.31 -3.08 -3.35
C PHE B 288 -5.43 -2.79 -4.34
N GLY B 289 -6.58 -3.46 -4.23
CA GLY B 289 -7.71 -3.15 -5.08
C GLY B 289 -8.46 -4.36 -5.58
N LYS B 290 -9.66 -4.13 -6.11
CA LYS B 290 -10.47 -5.18 -6.69
C LYS B 290 -10.01 -5.48 -8.11
N LEU B 291 -10.08 -6.75 -8.50
CA LEU B 291 -9.75 -7.17 -9.86
C LEU B 291 -10.86 -8.03 -10.40
N GLU B 292 -11.27 -7.75 -11.64
CA GLU B 292 -12.34 -8.46 -12.32
C GLU B 292 -11.79 -8.95 -13.66
N LEU B 293 -11.64 -10.27 -13.77
CA LEU B 293 -11.16 -10.92 -14.99
C LEU B 293 -12.35 -11.44 -15.77
N PHE B 294 -12.60 -10.86 -16.95
CA PHE B 294 -13.57 -11.38 -17.89
C PHE B 294 -12.82 -11.96 -19.07
N PHE B 295 -13.19 -13.16 -19.50
CA PHE B 295 -12.45 -13.79 -20.59
C PHE B 295 -13.27 -14.90 -21.22
N ASN B 296 -12.96 -15.17 -22.48
CA ASN B 296 -13.54 -16.28 -23.23
C ASN B 296 -12.46 -17.31 -23.54
N VAL B 297 -12.88 -18.55 -23.74
CA VAL B 297 -11.97 -19.65 -24.02
C VAL B 297 -12.49 -20.41 -25.24
N SER B 298 -11.62 -20.63 -26.22
CA SER B 298 -11.94 -21.41 -27.40
C SER B 298 -10.87 -22.48 -27.58
N ASN B 299 -11.30 -23.74 -27.71
CA ASN B 299 -10.36 -24.83 -27.84
C ASN B 299 -9.55 -24.94 -26.54
N GLY B 300 -8.24 -24.66 -26.61
CA GLY B 300 -7.43 -24.63 -25.42
C GLY B 300 -6.69 -23.31 -25.24
N PHE B 301 -7.21 -22.24 -25.85
CA PHE B 301 -6.57 -20.95 -25.84
C PHE B 301 -7.48 -19.90 -25.22
N ILE B 302 -6.88 -18.86 -24.65
CA ILE B 302 -7.61 -17.72 -24.11
C ILE B 302 -7.75 -16.71 -25.25
N LYS B 303 -8.97 -16.47 -25.70
CA LYS B 303 -9.20 -15.66 -26.88
C LYS B 303 -9.22 -14.17 -26.54
N ASP B 304 -10.32 -13.68 -25.98
CA ASP B 304 -10.49 -12.27 -25.67
C ASP B 304 -10.81 -12.11 -24.19
N GLY B 305 -10.74 -10.87 -23.71
CA GLY B 305 -11.03 -10.60 -22.32
C GLY B 305 -10.72 -9.17 -21.97
N ASN B 306 -10.96 -8.84 -20.70
CA ASN B 306 -10.68 -7.53 -20.15
C ASN B 306 -10.55 -7.65 -18.64
N ILE B 307 -9.78 -6.74 -18.05
CA ILE B 307 -9.55 -6.67 -16.62
C ILE B 307 -10.02 -5.32 -16.12
N PHE B 308 -10.83 -5.30 -15.06
CA PHE B 308 -11.33 -4.06 -14.49
C PHE B 308 -10.90 -3.98 -13.03
N SER B 309 -10.42 -2.81 -12.60
CA SER B 309 -9.79 -2.73 -11.30
C SER B 309 -9.95 -1.33 -10.70
N ASP B 310 -9.91 -1.30 -9.37
CA ASP B 310 -9.70 -0.08 -8.60
C ASP B 310 -8.21 0.22 -8.41
N CYS B 311 -7.33 -0.56 -9.02
CA CYS B 311 -5.92 -0.56 -8.64
C CYS B 311 -5.21 0.70 -9.12
N LEU B 312 -4.29 1.19 -8.30
CA LEU B 312 -3.44 2.31 -8.71
C LEU B 312 -2.38 1.85 -9.70
N ASP B 313 -1.86 0.64 -9.51
CA ASP B 313 -0.78 0.11 -10.34
C ASP B 313 -1.33 -0.24 -11.72
N ILE B 314 -1.48 0.79 -12.55
CA ILE B 314 -1.94 0.59 -13.92
C ILE B 314 -0.94 -0.24 -14.71
N ASN B 315 0.34 -0.16 -14.35
CA ASN B 315 1.35 -0.99 -15.00
C ASN B 315 1.03 -2.47 -14.83
N LEU B 316 0.78 -2.90 -13.59
CA LEU B 316 0.42 -4.28 -13.33
C LEU B 316 -0.78 -4.69 -14.19
N ILE B 317 -1.85 -3.90 -14.16
CA ILE B 317 -3.06 -4.28 -14.88
C ILE B 317 -2.77 -4.44 -16.37
N ASP B 318 -2.11 -3.43 -16.97
CA ASP B 318 -1.80 -3.51 -18.39
C ASP B 318 -0.94 -4.72 -18.71
N HIS B 319 -0.05 -5.12 -17.79
CA HIS B 319 0.73 -6.33 -18.02
C HIS B 319 -0.13 -7.59 -17.89
N LEU B 320 -1.16 -7.55 -17.03
CA LEU B 320 -2.06 -8.68 -16.90
C LEU B 320 -2.93 -8.86 -18.14
N LYS B 321 -3.31 -7.76 -18.79
CA LYS B 321 -4.15 -7.84 -19.97
C LYS B 321 -3.47 -8.51 -21.17
N SER B 322 -2.22 -8.93 -21.03
CA SER B 322 -1.51 -9.56 -22.15
C SER B 322 -1.84 -11.03 -22.31
N ILE B 323 -2.54 -11.65 -21.35
CA ILE B 323 -3.01 -13.02 -21.56
C ILE B 323 -4.05 -13.04 -22.67
N PHE B 324 -4.84 -11.98 -22.80
CA PHE B 324 -5.90 -11.95 -23.80
C PHE B 324 -5.33 -11.80 -25.20
N ASN B 325 -6.03 -12.39 -26.17
CA ASN B 325 -5.69 -12.23 -27.58
C ASN B 325 -4.24 -12.61 -27.85
N ASN B 326 -3.71 -13.55 -27.06
CA ASN B 326 -2.40 -14.13 -27.29
C ASN B 326 -2.54 -15.65 -27.37
N ASP B 327 -1.59 -16.28 -28.08
CA ASP B 327 -1.59 -17.73 -28.24
C ASP B 327 -1.09 -18.38 -26.95
N ILE B 328 -1.87 -18.17 -25.88
CA ILE B 328 -1.55 -18.68 -24.55
C ILE B 328 -2.57 -19.75 -24.19
N LYS B 329 -2.08 -20.86 -23.66
CA LYS B 329 -2.95 -22.00 -23.37
C LYS B 329 -3.60 -21.86 -22.00
N TYR B 330 -4.74 -22.53 -21.83
CA TYR B 330 -5.49 -22.52 -20.58
C TYR B 330 -5.05 -23.71 -19.74
N SER B 331 -3.95 -23.51 -19.02
CA SER B 331 -3.39 -24.56 -18.18
C SER B 331 -2.48 -23.91 -17.14
N LYS B 332 -2.45 -24.51 -15.95
CA LYS B 332 -1.60 -24.00 -14.88
C LYS B 332 -0.16 -23.85 -15.36
N GLU B 333 0.33 -24.85 -16.11
CA GLU B 333 1.71 -24.81 -16.59
C GLU B 333 1.94 -23.61 -17.50
N ASP B 334 1.15 -23.50 -18.57
CA ASP B 334 1.38 -22.45 -19.56
C ASP B 334 1.14 -21.06 -18.96
N ILE B 335 0.06 -20.89 -18.19
CA ILE B 335 -0.17 -19.61 -17.53
C ILE B 335 0.99 -19.28 -16.61
N SER B 336 1.54 -20.30 -15.93
CA SER B 336 2.72 -20.08 -15.10
C SER B 336 3.90 -19.59 -15.94
N ILE B 337 4.08 -20.16 -17.13
CA ILE B 337 5.10 -19.65 -18.05
C ILE B 337 4.85 -18.18 -18.33
N PHE B 338 3.62 -17.84 -18.68
CA PHE B 338 3.27 -16.44 -18.94
C PHE B 338 3.70 -15.55 -17.78
N PHE B 339 3.31 -15.92 -16.56
CA PHE B 339 3.65 -15.09 -15.41
C PHE B 339 5.15 -15.03 -15.16
N LYS B 340 5.88 -16.09 -15.52
CA LYS B 340 7.32 -16.06 -15.34
C LYS B 340 8.00 -15.12 -16.33
N LYS B 341 7.51 -15.10 -17.58
CA LYS B 341 8.08 -14.18 -18.57
C LYS B 341 7.85 -12.73 -18.17
N LEU B 342 6.76 -12.43 -17.46
CA LEU B 342 6.44 -11.06 -17.12
C LEU B 342 7.52 -10.46 -16.22
N ASN B 343 7.64 -9.13 -16.29
CA ASN B 343 8.51 -8.37 -15.41
C ASN B 343 7.81 -7.05 -15.13
N VAL B 344 7.32 -6.87 -13.91
CA VAL B 344 6.53 -5.72 -13.52
C VAL B 344 7.28 -4.94 -12.45
N GLU B 345 6.77 -3.75 -12.15
CA GLU B 345 7.41 -2.91 -11.14
C GLU B 345 7.22 -3.47 -9.74
N ASN B 346 6.08 -4.11 -9.47
CA ASN B 346 5.79 -4.70 -8.17
C ASN B 346 5.55 -6.20 -8.38
N LYS B 347 6.56 -7.01 -8.06
CA LYS B 347 6.48 -8.45 -8.25
C LYS B 347 5.60 -9.15 -7.21
N ASN B 348 5.45 -8.56 -6.02
CA ASN B 348 4.60 -9.16 -4.99
C ASN B 348 3.15 -9.21 -5.43
N TYR B 349 2.60 -8.06 -5.85
CA TYR B 349 1.23 -8.04 -6.36
C TYR B 349 1.07 -9.05 -7.49
N LEU B 350 2.06 -9.12 -8.40
CA LEU B 350 2.00 -10.09 -9.48
C LEU B 350 1.93 -11.50 -8.95
N ASP B 351 2.65 -11.79 -7.85
CA ASP B 351 2.62 -13.13 -7.30
C ASP B 351 1.29 -13.46 -6.67
N GLU B 352 0.67 -12.47 -5.99
CA GLU B 352 -0.67 -12.69 -5.46
C GLU B 352 -1.66 -12.98 -6.58
N VAL B 353 -1.69 -12.11 -7.61
CA VAL B 353 -2.58 -12.34 -8.75
C VAL B 353 -2.28 -13.69 -9.38
N ARG B 354 -1.02 -14.11 -9.36
CA ARG B 354 -0.65 -15.42 -9.90
C ARG B 354 -1.32 -16.54 -9.12
N SER B 355 -1.07 -16.59 -7.81
CA SER B 355 -1.66 -17.63 -6.99
C SER B 355 -3.18 -17.61 -7.07
N TRP B 356 -3.77 -16.43 -7.27
CA TRP B 356 -5.22 -16.34 -7.40
C TRP B 356 -5.69 -16.96 -8.70
N ILE B 357 -5.09 -16.56 -9.83
CA ILE B 357 -5.58 -17.01 -11.13
C ILE B 357 -5.29 -18.49 -11.35
N LEU B 358 -4.19 -18.99 -10.80
CA LEU B 358 -3.89 -20.41 -10.92
C LEU B 358 -4.92 -21.28 -10.23
N GLN B 359 -5.65 -20.73 -9.25
CA GLN B 359 -6.63 -21.47 -8.48
C GLN B 359 -8.06 -20.98 -8.76
N GLU B 360 -8.30 -20.37 -9.91
CA GLU B 360 -9.62 -19.86 -10.25
C GLU B 360 -9.68 -19.43 -11.71
C1 LPA C . 2.42 -2.40 12.21
O1 LPA C . 1.41 -1.77 12.64
C2 LPA C . 2.42 -3.92 12.18
O2 LPA C . 3.43 -1.76 11.80
C3 LPA C . 2.45 -4.46 13.60
C4 LPA C . 2.81 -5.94 13.60
C5 LPA C . 3.13 -6.37 15.03
C6 LPA C . 3.59 -7.70 15.05
S6 LPA C . 4.40 -7.94 16.34
C7 LPA C . 2.06 -8.95 15.11
C8 LPA C . 2.43 -10.16 16.09
S8 LPA C . 4.08 -9.78 16.79
H2 LPA C . 3.19 -4.23 11.69
H2A LPA C . 1.61 -4.24 11.73
H3 LPA C . 1.58 -4.34 14.00
H3A LPA C . 3.11 -3.98 14.11
H4 LPA C . 3.59 -6.09 13.03
H4A LPA C . 2.06 -6.46 13.26
H5 LPA C . 3.82 -5.79 15.38
H5A LPA C . 2.33 -6.30 15.56
H6 LPA C . 4.14 -7.89 14.27
H7 LPA C . 1.27 -8.49 15.46
H7A LPA C . 1.88 -9.30 14.23
H8 LPA C . 2.47 -10.99 15.58
H8A LPA C . 1.78 -10.23 16.80
C1 LPA D . -8.62 7.67 -4.87
O1 LPA D . -9.21 8.17 -3.88
C2 LPA D . -8.83 8.27 -6.26
O2 LPA D . -7.88 6.67 -4.71
C3 LPA D . -8.40 9.73 -6.24
C4 LPA D . -8.44 10.29 -7.66
C5 LPA D . -8.46 11.82 -7.62
C6 LPA D . -7.99 12.32 -8.85
S6 LPA D . -9.01 12.03 -9.97
C7 LPA D . -7.84 14.29 -8.78
C8 LPA D . -7.94 14.80 -10.28
S8 LPA D . -8.78 13.47 -11.23
H2 LPA D . -8.29 7.79 -6.90
H2A LPA D . -9.77 8.20 -6.51
H3 LPA D . -9.02 10.24 -5.68
H3A LPA D . -7.51 9.81 -5.88
H4 LPA D . -7.66 9.99 -8.15
H4A LPA D . -9.24 9.97 -8.11
H5 LPA D . -7.87 12.12 -6.91
H5A LPA D . -9.36 12.13 -7.46
H6 LPA D . -7.14 11.93 -9.07
H7 LPA D . -6.98 14.53 -8.41
H7A LPA D . -8.56 14.66 -8.25
H8 LPA D . -8.46 15.62 -10.31
H8A LPA D . -7.05 14.96 -10.65
#